data_3OHN
#
_entry.id   3OHN
#
_cell.length_a   50.022
_cell.length_b   87.132
_cell.length_c   95.883
_cell.angle_alpha   63.92
_cell.angle_beta   88.43
_cell.angle_gamma   76.94
#
_symmetry.space_group_name_H-M   'P 1'
#
_entity_poly.entity_id   1
_entity_poly.type   'polypeptide(L)'
_entity_poly.pdbx_seq_one_letter_code
;ARGYIPPELWDPGINAGLLNYNFSGNSVQNRIGGNSHYAYLNLQSGLNIGAWRLRDNTTWSYNSSDRSSGSKNKWQHINT
WLERDIIPLRSRLTLGDGYTQGDIFDGINFRGAQLASDDNMLPDSQRGFAPVIHGIARGTAQVTIKQNGYDIYNSTVPPG
PFTINDIYAAGNSGDLQVTIKEADGSTQIFTVPYSSVPLLQREGHTRYSITAGEYRSGNAQQEKPRFFQSTLLHGLPAGW
TIYGGTQLADRYRAFNFGIGKNMGALGALSVDMTQANSTLPDDSQHDGQSVRFLYNKSLNESGTNIQLVGYRYSTSGYFN
FADTTYSRMNGYNIETQDGVIQVKPKFTDYYNLAYNKRGKLQLTVTQQLGRTSTLYLSGSHQTYWGTSNVDEQFQAGLNT
AFEDINWTLSYSLTKNAWQKGRDQMLALNVNIPFSHWLRSDSKSQWRHASASYSMSHDLNGRMTNLAGVYGTLLEDNNLS
YSVQTGYAGGGDGNSGSTGYATLNYRGGYGNANIGYSHSDDIKQLYYGVSGGVLAHANGVGGPVATLVPRGSHHHHHH
;
_entity_poly.pdbx_strand_id   A,B
#
# COMPACT_ATOMS: atom_id res chain seq x y z
N ALA A 16 -12.87 0.18 -15.20
CA ALA A 16 -12.38 1.22 -14.25
C ALA A 16 -11.98 0.61 -12.91
N GLY A 17 -10.86 1.11 -12.36
CA GLY A 17 -10.35 0.62 -11.08
C GLY A 17 -10.55 1.62 -9.95
N LEU A 18 -10.99 1.10 -8.80
CA LEU A 18 -11.22 1.93 -7.61
C LEU A 18 -10.40 1.47 -6.42
N LEU A 19 -10.06 2.42 -5.54
CA LEU A 19 -9.28 2.13 -4.33
C LEU A 19 -9.67 3.02 -3.16
N ASN A 20 -9.71 2.43 -1.97
CA ASN A 20 -10.06 3.15 -0.74
C ASN A 20 -9.20 2.70 0.43
N TYR A 21 -8.44 3.64 1.00
CA TYR A 21 -7.52 3.34 2.10
C TYR A 21 -7.83 4.13 3.38
N ASN A 22 -7.43 3.57 4.51
CA ASN A 22 -7.59 4.21 5.81
C ASN A 22 -6.35 4.02 6.69
N PHE A 23 -5.52 5.04 6.75
CA PHE A 23 -4.28 5.00 7.52
C PHE A 23 -4.44 5.63 8.90
N SER A 24 -3.78 5.06 9.89
CA SER A 24 -3.79 5.59 11.26
C SER A 24 -2.51 5.19 11.99
N GLY A 25 -1.69 6.19 12.33
CA GLY A 25 -0.42 5.97 13.02
C GLY A 25 -0.23 6.91 14.19
N ASN A 26 0.04 6.33 15.36
CA ASN A 26 0.23 7.10 16.58
C ASN A 26 1.54 6.76 17.31
N SER A 27 2.22 7.79 17.79
CA SER A 27 3.45 7.63 18.56
C SER A 27 3.29 8.21 19.96
N VAL A 28 3.09 7.32 20.94
CA VAL A 28 2.92 7.73 22.33
C VAL A 28 4.25 7.80 23.07
N GLN A 29 4.42 8.84 23.88
CA GLN A 29 5.63 9.04 24.67
C GLN A 29 5.29 9.36 26.13
N ASN A 30 5.79 8.53 27.03
CA ASN A 30 5.60 8.73 28.47
C ASN A 30 6.77 8.17 29.28
N ARG A 31 6.72 8.37 30.59
CA ARG A 31 7.75 7.88 31.51
C ARG A 31 7.59 6.38 31.78
N ILE A 32 8.36 5.86 32.74
CA ILE A 32 8.39 4.43 33.12
C ILE A 32 8.85 3.46 32.02
N GLY A 33 8.76 3.89 30.76
CA GLY A 33 9.18 3.09 29.62
C GLY A 33 8.03 2.44 28.87
N GLY A 34 6.87 3.11 28.88
CA GLY A 34 5.68 2.61 28.18
C GLY A 34 5.49 3.24 26.81
N ASN A 35 6.49 4.00 26.37
CA ASN A 35 6.46 4.65 25.06
C ASN A 35 6.51 3.68 23.89
N SER A 36 5.50 3.74 23.03
CA SER A 36 5.36 2.81 21.91
C SER A 36 4.90 3.52 20.63
N HIS A 37 5.01 2.81 19.51
CA HIS A 37 4.57 3.31 18.22
C HIS A 37 3.71 2.26 17.52
N TYR A 38 2.48 2.62 17.16
CA TYR A 38 1.61 1.72 16.41
C TYR A 38 1.03 2.36 15.15
N ALA A 39 1.00 1.58 14.07
CA ALA A 39 0.49 2.05 12.79
C ALA A 39 -0.43 1.01 12.15
N TYR A 40 -1.51 1.49 11.54
CA TYR A 40 -2.49 0.62 10.89
C TYR A 40 -2.90 1.15 9.52
N LEU A 41 -3.22 0.24 8.62
CA LEU A 41 -3.65 0.59 7.27
C LEU A 41 -4.78 -0.33 6.78
N ASN A 42 -5.95 0.27 6.57
CA ASN A 42 -7.12 -0.46 6.07
C ASN A 42 -7.39 -0.10 4.62
N LEU A 43 -6.81 -0.88 3.70
CA LEU A 43 -6.91 -0.59 2.27
C LEU A 43 -7.86 -1.54 1.53
N GLN A 44 -8.56 -0.99 0.53
CA GLN A 44 -9.44 -1.75 -0.35
C GLN A 44 -9.04 -1.50 -1.79
N SER A 45 -9.04 -2.56 -2.60
CA SER A 45 -8.68 -2.45 -4.01
C SER A 45 -9.69 -3.17 -4.91
N GLY A 46 -10.16 -2.45 -5.92
CA GLY A 46 -11.12 -2.99 -6.88
C GLY A 46 -10.61 -2.88 -8.31
N LEU A 47 -10.65 -3.98 -9.04
CA LEU A 47 -10.18 -4.02 -10.43
C LEU A 47 -11.24 -4.56 -11.38
N ASN A 48 -11.34 -3.94 -12.55
CA ASN A 48 -12.26 -4.36 -13.60
C ASN A 48 -11.52 -4.71 -14.89
N ILE A 49 -11.59 -5.99 -15.27
CA ILE A 49 -10.90 -6.48 -16.46
C ILE A 49 -11.88 -7.08 -17.49
N GLY A 50 -13.07 -6.49 -17.56
CA GLY A 50 -14.11 -6.96 -18.48
C GLY A 50 -15.07 -7.92 -17.79
N ALA A 51 -16.13 -7.36 -17.21
CA ALA A 51 -17.16 -8.12 -16.47
C ALA A 51 -16.67 -8.74 -15.16
N TRP A 52 -15.50 -9.38 -15.20
CA TRP A 52 -14.88 -9.96 -14.01
C TRP A 52 -14.41 -8.86 -13.06
N ARG A 53 -15.12 -8.72 -11.94
CA ARG A 53 -14.85 -7.68 -10.96
C ARG A 53 -14.03 -8.21 -9.79
N LEU A 54 -12.75 -7.84 -9.77
CA LEU A 54 -11.83 -8.27 -8.71
C LEU A 54 -11.91 -7.33 -7.52
N ARG A 55 -12.12 -7.90 -6.32
CA ARG A 55 -12.19 -7.13 -5.09
C ARG A 55 -11.24 -7.71 -4.03
N ASP A 56 -10.49 -6.84 -3.38
CA ASP A 56 -9.51 -7.25 -2.37
C ASP A 56 -9.48 -6.30 -1.19
N ASN A 57 -9.41 -6.87 0.01
CA ASN A 57 -9.32 -6.10 1.25
C ASN A 57 -8.30 -6.71 2.21
N THR A 58 -7.22 -5.98 2.46
CA THR A 58 -6.15 -6.42 3.36
C THR A 58 -5.85 -5.37 4.42
N THR A 59 -5.43 -5.83 5.61
CA THR A 59 -5.12 -4.96 6.74
C THR A 59 -3.70 -5.18 7.23
N TRP A 60 -2.93 -4.09 7.32
CA TRP A 60 -1.59 -4.12 7.86
C TRP A 60 -1.58 -3.59 9.31
N SER A 61 -1.12 -4.43 10.23
CA SER A 61 -1.07 -4.07 11.65
C SER A 61 0.37 -4.02 12.15
N TYR A 62 0.71 -2.93 12.85
CA TYR A 62 2.05 -2.75 13.40
C TYR A 62 1.98 -2.36 14.88
N ASN A 63 2.73 -3.09 15.69
CA ASN A 63 2.83 -2.82 17.13
C ASN A 63 4.26 -2.93 17.62
N SER A 64 4.85 -1.80 18.02
CA SER A 64 6.22 -1.75 18.50
C SER A 64 6.26 -1.52 20.02
N SER A 65 6.24 -2.62 20.77
CA SER A 65 6.27 -2.58 22.23
C SER A 65 7.70 -2.46 22.75
N ASN A 73 4.21 -6.42 13.38
CA ASN A 73 4.30 -6.16 11.96
C ASN A 73 3.86 -7.37 11.13
N LYS A 74 2.54 -7.51 10.97
CA LYS A 74 1.97 -8.63 10.22
C LYS A 74 0.82 -8.19 9.32
N TRP A 75 0.78 -8.74 8.11
CA TRP A 75 -0.31 -8.49 7.16
C TRP A 75 -1.43 -9.50 7.35
N GLN A 76 -2.67 -9.02 7.30
CA GLN A 76 -3.84 -9.88 7.48
C GLN A 76 -4.81 -9.77 6.31
N HIS A 77 -4.95 -10.87 5.57
CA HIS A 77 -5.90 -10.96 4.47
C HIS A 77 -7.29 -11.28 5.00
N ILE A 78 -8.29 -10.52 4.54
CA ILE A 78 -9.67 -10.72 4.97
C ILE A 78 -10.53 -11.29 3.83
N ASN A 79 -10.58 -10.57 2.72
CA ASN A 79 -11.39 -10.97 1.57
C ASN A 79 -10.71 -10.66 0.23
N THR A 80 -10.63 -11.68 -0.62
CA THR A 80 -10.09 -11.54 -1.98
C THR A 80 -10.90 -12.42 -2.94
N TRP A 81 -11.87 -11.82 -3.61
CA TRP A 81 -12.74 -12.57 -4.52
C TRP A 81 -12.76 -12.00 -5.95
N LEU A 82 -13.16 -12.84 -6.89
CA LEU A 82 -13.29 -12.47 -8.30
C LEU A 82 -14.69 -12.87 -8.78
N GLU A 83 -15.54 -11.87 -9.01
CA GLU A 83 -16.95 -12.11 -9.32
C GLU A 83 -17.35 -11.79 -10.77
N ARG A 84 -18.33 -12.54 -11.27
CA ARG A 84 -18.90 -12.34 -12.60
C ARG A 84 -20.42 -12.26 -12.52
N ASP A 85 -20.98 -11.22 -13.12
CA ASP A 85 -22.43 -11.02 -13.11
C ASP A 85 -23.10 -11.77 -14.27
N ILE A 86 -24.10 -12.59 -13.92
CA ILE A 86 -24.88 -13.33 -14.90
C ILE A 86 -26.24 -12.67 -15.09
N ILE A 87 -26.41 -12.02 -16.23
CA ILE A 87 -27.62 -11.25 -16.54
C ILE A 87 -28.85 -12.14 -16.89
N PRO A 88 -28.67 -13.18 -17.73
CA PRO A 88 -29.81 -13.99 -18.14
C PRO A 88 -30.50 -14.76 -17.00
N LEU A 89 -29.75 -15.02 -15.92
CA LEU A 89 -30.27 -15.75 -14.77
C LEU A 89 -30.56 -14.86 -13.55
N ARG A 90 -30.23 -13.57 -13.69
CA ARG A 90 -30.35 -12.59 -12.60
C ARG A 90 -29.59 -13.05 -11.35
N SER A 91 -28.29 -13.25 -11.51
CA SER A 91 -27.41 -13.71 -10.43
C SER A 91 -25.97 -13.26 -10.63
N ARG A 92 -25.12 -13.55 -9.66
CA ARG A 92 -23.68 -13.26 -9.75
C ARG A 92 -22.85 -14.39 -9.13
N LEU A 93 -21.86 -14.87 -9.87
CA LEU A 93 -20.99 -15.95 -9.42
C LEU A 93 -19.62 -15.41 -9.00
N THR A 94 -19.29 -15.57 -7.72
CA THR A 94 -18.02 -15.12 -7.17
C THR A 94 -17.10 -16.29 -6.84
N LEU A 95 -15.82 -16.13 -7.16
CA LEU A 95 -14.82 -17.18 -6.95
C LEU A 95 -13.66 -16.67 -6.07
N GLY A 96 -13.22 -17.52 -5.15
CA GLY A 96 -12.10 -17.19 -4.27
C GLY A 96 -12.51 -16.99 -2.83
N ASP A 97 -11.91 -16.00 -2.18
CA ASP A 97 -12.16 -15.72 -0.77
C ASP A 97 -13.27 -14.67 -0.60
N GLY A 98 -14.45 -15.13 -0.20
CA GLY A 98 -15.61 -14.25 0.00
C GLY A 98 -16.31 -14.47 1.32
N TYR A 99 -17.53 -13.95 1.42
CA TYR A 99 -18.35 -14.09 2.62
C TYR A 99 -19.82 -14.34 2.30
N THR A 100 -20.51 -15.03 3.21
CA THR A 100 -21.93 -15.33 3.05
C THR A 100 -22.79 -14.27 3.74
N GLN A 101 -23.99 -14.05 3.19
CA GLN A 101 -24.94 -13.11 3.77
C GLN A 101 -25.60 -13.71 5.01
N GLY A 102 -25.54 -12.97 6.12
CA GLY A 102 -26.04 -13.46 7.40
C GLY A 102 -27.46 -13.03 7.74
N ASP A 103 -28.33 -13.08 6.75
CA ASP A 103 -29.74 -12.70 6.93
C ASP A 103 -30.57 -13.82 7.56
N ILE A 104 -30.23 -15.07 7.21
CA ILE A 104 -30.94 -16.24 7.72
C ILE A 104 -30.11 -16.94 8.80
N PHE A 105 -28.90 -17.37 8.45
CA PHE A 105 -27.98 -17.99 9.40
C PHE A 105 -26.94 -16.99 9.89
N ASP A 106 -26.00 -17.46 10.72
CA ASP A 106 -24.88 -16.65 11.17
C ASP A 106 -23.87 -16.48 10.04
N GLY A 107 -23.50 -15.24 9.77
CA GLY A 107 -22.60 -14.89 8.66
C GLY A 107 -21.20 -15.45 8.82
N ILE A 108 -20.75 -16.18 7.82
CA ILE A 108 -19.44 -16.83 7.84
C ILE A 108 -18.61 -16.54 6.59
N ASN A 109 -17.29 -16.46 6.76
CA ASN A 109 -16.35 -16.28 5.65
C ASN A 109 -15.99 -17.62 5.03
N PHE A 110 -15.82 -17.64 3.70
CA PHE A 110 -15.55 -18.89 2.98
C PHE A 110 -14.49 -18.75 1.89
N ARG A 111 -14.03 -19.89 1.38
CA ARG A 111 -13.10 -19.95 0.26
C ARG A 111 -13.59 -20.98 -0.76
N GLY A 112 -14.20 -20.49 -1.83
CA GLY A 112 -14.74 -21.35 -2.88
C GLY A 112 -15.58 -20.61 -3.90
N ALA A 113 -16.82 -21.05 -4.06
CA ALA A 113 -17.74 -20.47 -5.04
C ALA A 113 -19.12 -20.17 -4.44
N GLN A 114 -19.75 -19.11 -4.95
CA GLN A 114 -21.09 -18.72 -4.51
C GLN A 114 -21.94 -18.25 -5.69
N LEU A 115 -23.08 -18.91 -5.89
CA LEU A 115 -24.05 -18.52 -6.91
C LEU A 115 -25.27 -17.88 -6.24
N ALA A 116 -25.25 -16.56 -6.14
CA ALA A 116 -26.31 -15.80 -5.47
C ALA A 116 -26.96 -14.79 -6.40
N SER A 117 -28.27 -14.59 -6.22
CA SER A 117 -29.02 -13.63 -7.02
C SER A 117 -28.63 -12.19 -6.69
N ASP A 118 -28.34 -11.41 -7.72
CA ASP A 118 -27.87 -10.03 -7.56
C ASP A 118 -29.00 -9.04 -7.24
N ASP A 119 -29.48 -9.10 -6.00
CA ASP A 119 -30.50 -8.18 -5.51
C ASP A 119 -29.87 -7.07 -4.67
N ASN A 120 -30.55 -5.93 -4.58
CA ASN A 120 -30.10 -4.76 -3.83
C ASN A 120 -28.75 -4.20 -4.27
N PRO A 131 -22.41 -0.71 9.49
CA PRO A 131 -23.22 -0.31 10.65
C PRO A 131 -22.55 0.80 11.45
N VAL A 132 -23.38 1.67 12.05
CA VAL A 132 -22.90 2.78 12.86
C VAL A 132 -22.60 2.34 14.30
N ILE A 133 -21.44 2.74 14.80
CA ILE A 133 -21.01 2.40 16.16
C ILE A 133 -20.84 3.66 17.00
N HIS A 134 -21.51 3.69 18.14
CA HIS A 134 -21.43 4.82 19.07
C HIS A 134 -20.68 4.45 20.34
N GLY A 135 -20.08 5.46 20.99
CA GLY A 135 -19.33 5.25 22.23
C GLY A 135 -18.72 6.54 22.77
N ILE A 136 -18.27 6.48 24.03
CA ILE A 136 -17.62 7.60 24.68
C ILE A 136 -16.21 7.22 25.13
N ALA A 137 -15.24 8.09 24.87
CA ALA A 137 -13.85 7.86 25.25
C ALA A 137 -13.45 8.66 26.49
N ARG A 138 -12.49 8.13 27.24
CA ARG A 138 -11.97 8.79 28.45
C ARG A 138 -11.09 9.97 28.05
N GLY A 139 -10.07 9.71 27.24
CA GLY A 139 -9.17 10.73 26.73
C GLY A 139 -8.77 10.42 25.30
N THR A 140 -7.48 10.38 25.03
CA THR A 140 -6.97 9.99 23.71
C THR A 140 -6.93 8.47 23.63
N ALA A 141 -7.92 7.91 22.94
CA ALA A 141 -8.09 6.46 22.87
C ALA A 141 -7.90 5.90 21.46
N GLN A 142 -7.50 4.63 21.38
CA GLN A 142 -7.31 3.93 20.12
C GLN A 142 -8.52 3.06 19.79
N VAL A 143 -9.27 3.48 18.77
CA VAL A 143 -10.45 2.74 18.31
C VAL A 143 -10.00 1.50 17.52
N THR A 144 -10.45 0.33 17.96
CA THR A 144 -10.12 -0.93 17.31
C THR A 144 -11.37 -1.80 17.17
N ILE A 145 -11.86 -1.93 15.94
CA ILE A 145 -13.03 -2.75 15.64
C ILE A 145 -12.59 -4.04 14.93
N LYS A 146 -13.06 -5.17 15.43
CA LYS A 146 -12.72 -6.48 14.87
C LYS A 146 -13.96 -7.32 14.60
N GLN A 147 -14.06 -7.86 13.39
CA GLN A 147 -15.16 -8.72 12.99
C GLN A 147 -14.64 -10.09 12.55
N ASN A 148 -15.08 -11.16 13.16
CA ASN A 148 -14.58 -12.45 12.76
C ASN A 148 -13.12 -12.57 12.90
N GLY A 149 -12.55 -11.97 13.92
CA GLY A 149 -11.11 -12.07 14.13
C GLY A 149 -10.32 -11.08 13.31
N TYR A 150 -10.86 -10.71 12.16
CA TYR A 150 -10.20 -9.76 11.25
C TYR A 150 -10.29 -8.33 11.78
N ASP A 151 -9.18 -7.61 11.69
CA ASP A 151 -9.12 -6.20 12.05
C ASP A 151 -9.60 -5.36 10.86
N ILE A 152 -10.71 -4.66 11.05
CA ILE A 152 -11.35 -3.91 9.95
C ILE A 152 -11.17 -2.39 10.03
N TYR A 153 -11.21 -1.85 11.25
CA TYR A 153 -11.10 -0.40 11.45
C TYR A 153 -10.15 -0.04 12.59
N ASN A 154 -9.30 0.96 12.32
CA ASN A 154 -8.36 1.48 13.31
C ASN A 154 -8.24 3.00 13.20
N SER A 155 -8.43 3.69 14.32
CA SER A 155 -8.33 5.15 14.37
C SER A 155 -8.08 5.66 15.79
N THR A 156 -7.66 6.91 15.90
CA THR A 156 -7.46 7.57 17.19
C THR A 156 -8.59 8.58 17.45
N VAL A 157 -9.03 8.65 18.70
CA VAL A 157 -10.19 9.47 19.06
C VAL A 157 -9.93 10.40 20.26
N PRO A 158 -10.33 11.68 20.14
CA PRO A 158 -10.32 12.62 21.27
C PRO A 158 -11.42 12.27 22.30
N PRO A 159 -11.26 12.74 23.55
CA PRO A 159 -12.25 12.47 24.61
C PRO A 159 -13.65 12.96 24.27
N GLY A 160 -14.66 12.17 24.66
CA GLY A 160 -16.06 12.50 24.39
C GLY A 160 -16.73 11.49 23.47
N PRO A 161 -17.91 11.84 22.94
CA PRO A 161 -18.66 10.96 22.04
C PRO A 161 -18.07 10.97 20.62
N PHE A 162 -18.17 9.84 19.93
CA PHE A 162 -17.65 9.72 18.57
C PHE A 162 -18.55 8.90 17.64
N THR A 163 -18.57 9.29 16.37
CA THR A 163 -19.29 8.57 15.32
C THR A 163 -18.35 8.23 14.17
N ILE A 164 -18.46 7.01 13.67
CA ILE A 164 -17.57 6.52 12.60
C ILE A 164 -18.17 6.63 11.20
N ASN A 165 -19.24 5.87 10.95
CA ASN A 165 -20.00 5.89 9.68
C ASN A 165 -19.26 5.43 8.42
N ASP A 166 -18.00 5.83 8.28
CA ASP A 166 -17.23 5.61 7.05
C ASP A 166 -16.76 4.17 6.80
N ILE A 167 -16.72 3.37 7.86
CA ILE A 167 -16.19 2.00 7.77
C ILE A 167 -17.09 1.04 6.98
N TYR A 168 -16.49 0.36 6.00
CA TYR A 168 -17.15 -0.71 5.27
C TYR A 168 -16.52 -2.04 5.67
N ALA A 169 -17.24 -2.81 6.48
CA ALA A 169 -16.73 -4.06 7.04
C ALA A 169 -16.65 -5.16 6.00
N ALA A 170 -15.48 -5.79 5.92
CA ALA A 170 -15.28 -6.94 5.04
C ALA A 170 -15.75 -8.20 5.74
N GLY A 171 -16.79 -8.82 5.18
CA GLY A 171 -17.49 -9.93 5.83
C GLY A 171 -18.60 -9.41 6.72
N ASN A 172 -19.29 -8.38 6.25
CA ASN A 172 -20.36 -7.72 7.00
C ASN A 172 -21.61 -8.58 7.10
N SER A 173 -21.63 -9.46 8.11
CA SER A 173 -22.74 -10.37 8.34
C SER A 173 -22.80 -10.85 9.80
N GLY A 174 -21.65 -10.89 10.45
CA GLY A 174 -21.55 -11.35 11.84
C GLY A 174 -21.47 -10.23 12.85
N ASP A 175 -21.08 -10.57 14.07
CA ASP A 175 -20.96 -9.61 15.17
C ASP A 175 -19.64 -8.83 15.09
N LEU A 176 -19.70 -7.56 15.49
CA LEU A 176 -18.53 -6.68 15.46
C LEU A 176 -18.04 -6.33 16.86
N GLN A 177 -16.86 -6.83 17.20
CA GLN A 177 -16.24 -6.55 18.50
C GLN A 177 -15.41 -5.26 18.43
N VAL A 178 -15.90 -4.22 19.11
CA VAL A 178 -15.25 -2.91 19.11
C VAL A 178 -14.65 -2.59 20.49
N THR A 179 -13.33 -2.38 20.53
CA THR A 179 -12.63 -2.04 21.76
C THR A 179 -11.83 -0.74 21.61
N ILE A 180 -11.91 0.11 22.62
CA ILE A 180 -11.14 1.37 22.64
C ILE A 180 -10.04 1.33 23.70
N LYS A 181 -8.80 1.20 23.23
CA LYS A 181 -7.63 1.11 24.11
C LYS A 181 -7.16 2.49 24.52
N GLU A 182 -7.23 2.73 25.81
CA GLU A 182 -6.87 3.99 26.41
C GLU A 182 -5.43 3.93 26.83
N ALA A 183 -4.82 5.08 27.01
CA ALA A 183 -3.45 5.11 27.42
C ALA A 183 -3.42 4.94 28.89
N ASP A 184 -2.67 3.96 29.33
CA ASP A 184 -2.54 3.70 30.72
C ASP A 184 -3.76 3.02 31.33
N GLY A 185 -4.90 3.70 31.37
CA GLY A 185 -6.11 3.13 31.93
C GLY A 185 -6.80 2.35 30.82
N SER A 186 -6.19 1.24 30.50
CA SER A 186 -6.42 0.65 29.24
C SER A 186 -7.79 0.25 28.74
N THR A 187 -8.73 -0.26 29.48
CA THR A 187 -9.81 -0.65 28.62
C THR A 187 -11.24 -0.80 28.92
N GLN A 188 -11.96 -0.77 27.82
CA GLN A 188 -13.37 -1.16 27.84
C GLN A 188 -13.77 -1.84 26.54
N ILE A 189 -14.11 -3.13 26.64
CA ILE A 189 -14.43 -3.96 25.48
C ILE A 189 -15.91 -4.30 25.45
N PHE A 190 -16.53 -4.12 24.28
CA PHE A 190 -17.94 -4.45 24.07
C PHE A 190 -18.21 -4.84 22.61
N THR A 191 -19.02 -5.87 22.43
CA THR A 191 -19.36 -6.35 21.08
C THR A 191 -20.73 -5.88 20.61
N VAL A 192 -20.80 -5.44 19.35
CA VAL A 192 -22.05 -4.99 18.75
C VAL A 192 -22.56 -6.07 17.78
N PRO A 193 -23.79 -6.58 18.03
CA PRO A 193 -24.38 -7.64 17.21
C PRO A 193 -24.80 -7.15 15.82
N TYR A 194 -25.01 -8.10 14.91
CA TYR A 194 -25.48 -7.81 13.56
C TYR A 194 -26.95 -7.39 13.56
N SER A 195 -27.21 -6.14 13.19
CA SER A 195 -28.56 -5.63 13.10
C SER A 195 -29.24 -6.11 11.82
N SER A 196 -30.39 -6.75 11.97
CA SER A 196 -31.11 -7.32 10.84
C SER A 196 -32.55 -6.84 10.75
N VAL A 197 -32.93 -6.38 9.56
CA VAL A 197 -34.31 -5.98 9.27
C VAL A 197 -35.15 -7.19 8.86
N PRO A 198 -36.45 -7.19 9.20
CA PRO A 198 -37.36 -8.27 8.81
C PRO A 198 -37.26 -8.62 7.32
N LEU A 199 -37.12 -9.91 7.04
CA LEU A 199 -36.92 -10.41 5.68
C LEU A 199 -38.19 -10.27 4.85
N LEU A 200 -38.18 -9.30 3.94
CA LEU A 200 -39.33 -9.01 3.08
C LEU A 200 -38.96 -9.09 1.60
N GLN A 201 -39.88 -9.63 0.80
CA GLN A 201 -39.67 -9.77 -0.64
C GLN A 201 -40.94 -9.42 -1.41
N ARG A 202 -40.75 -8.83 -2.59
CA ARG A 202 -41.87 -8.45 -3.47
C ARG A 202 -42.53 -9.70 -4.07
N GLU A 203 -43.80 -9.57 -4.44
CA GLU A 203 -44.58 -10.67 -5.00
C GLU A 203 -44.02 -11.10 -6.36
N GLY A 204 -43.66 -12.37 -6.46
CA GLY A 204 -43.07 -12.93 -7.68
C GLY A 204 -41.56 -13.00 -7.65
N HIS A 205 -40.95 -12.12 -6.85
CA HIS A 205 -39.50 -12.05 -6.73
C HIS A 205 -38.93 -13.18 -5.87
N THR A 206 -37.83 -13.76 -6.33
CA THR A 206 -37.17 -14.86 -5.65
C THR A 206 -35.69 -14.54 -5.45
N ARG A 207 -35.25 -14.57 -4.18
CA ARG A 207 -33.85 -14.29 -3.82
C ARG A 207 -33.19 -15.54 -3.24
N TYR A 208 -32.18 -16.05 -3.93
CA TYR A 208 -31.48 -17.26 -3.49
C TYR A 208 -29.96 -17.07 -3.42
N SER A 209 -29.31 -17.87 -2.58
CA SER A 209 -27.87 -17.84 -2.43
C SER A 209 -27.32 -19.25 -2.15
N ILE A 210 -26.67 -19.84 -3.16
CA ILE A 210 -26.09 -21.16 -3.03
C ILE A 210 -24.56 -21.08 -3.06
N THR A 211 -23.93 -21.57 -1.99
CA THR A 211 -22.47 -21.52 -1.86
C THR A 211 -21.88 -22.84 -1.35
N ALA A 212 -20.69 -23.17 -1.83
CA ALA A 212 -19.98 -24.39 -1.44
C ALA A 212 -18.47 -24.14 -1.39
N GLY A 213 -17.85 -24.59 -0.31
CA GLY A 213 -16.40 -24.43 -0.12
C GLY A 213 -15.95 -24.75 1.28
N GLU A 214 -14.95 -24.07 1.77
CA GLU A 214 -14.52 -24.33 3.09
C GLU A 214 -14.57 -23.10 3.91
N TYR A 215 -14.73 -23.28 5.20
CA TYR A 215 -14.93 -22.20 6.17
C TYR A 215 -13.62 -21.46 6.47
N ARG A 216 -13.63 -20.15 6.25
CA ARG A 216 -12.50 -19.30 6.61
C ARG A 216 -12.76 -18.59 7.93
N SER A 217 -11.69 -18.38 8.70
CA SER A 217 -11.80 -17.78 10.02
C SER A 217 -10.88 -16.57 10.19
N GLY A 218 -9.60 -16.73 9.84
CA GLY A 218 -8.60 -15.69 10.05
C GLY A 218 -8.06 -15.70 11.46
N ASN A 219 -8.97 -15.87 12.43
CA ASN A 219 -8.61 -16.00 13.83
C ASN A 219 -7.91 -17.32 14.08
N ALA A 220 -6.74 -17.25 14.72
CA ALA A 220 -5.89 -18.42 14.94
C ALA A 220 -6.38 -19.29 16.10
N GLN A 221 -7.56 -19.88 15.92
CA GLN A 221 -8.18 -20.76 16.92
C GLN A 221 -9.22 -21.70 16.31
N GLN A 222 -9.56 -21.47 15.04
CA GLN A 222 -10.57 -22.25 14.35
C GLN A 222 -9.99 -23.13 13.23
N GLU A 223 -10.73 -24.16 12.87
CA GLU A 223 -10.40 -25.09 11.82
C GLU A 223 -11.04 -24.61 10.53
N LYS A 224 -10.70 -25.19 9.39
CA LYS A 224 -11.39 -24.78 8.20
C LYS A 224 -11.97 -26.02 7.71
N PRO A 225 -13.26 -26.07 7.62
CA PRO A 225 -13.91 -27.29 7.17
C PRO A 225 -14.80 -27.07 6.00
N ARG A 226 -14.99 -28.08 5.16
CA ARG A 226 -15.87 -27.94 4.04
C ARG A 226 -17.30 -27.94 4.44
N PHE A 227 -18.10 -27.23 3.69
CA PHE A 227 -19.54 -27.05 3.89
C PHE A 227 -20.31 -26.76 2.59
N PHE A 228 -21.63 -26.90 2.66
CA PHE A 228 -22.52 -26.56 1.55
C PHE A 228 -23.74 -25.81 2.09
N GLN A 229 -23.83 -24.53 1.75
CA GLN A 229 -24.90 -23.67 2.23
C GLN A 229 -25.78 -23.16 1.08
N SER A 230 -27.10 -23.32 1.24
CA SER A 230 -28.07 -22.85 0.25
C SER A 230 -29.29 -22.25 0.92
N THR A 231 -29.53 -20.96 0.64
CA THR A 231 -30.65 -20.22 1.21
C THR A 231 -31.63 -19.77 0.13
N LEU A 232 -32.91 -19.63 0.51
CA LEU A 232 -33.96 -19.25 -0.43
C LEU A 232 -34.97 -18.30 0.21
N LEU A 233 -35.36 -17.29 -0.56
CA LEU A 233 -36.39 -16.32 -0.14
C LEU A 233 -37.43 -16.17 -1.26
N HIS A 234 -38.71 -16.24 -0.89
CA HIS A 234 -39.79 -16.13 -1.86
C HIS A 234 -40.89 -15.17 -1.38
N GLY A 235 -41.26 -14.23 -2.24
CA GLY A 235 -42.29 -13.25 -1.94
C GLY A 235 -43.69 -13.81 -2.15
N LEU A 236 -44.55 -13.59 -1.16
CA LEU A 236 -45.93 -14.08 -1.19
C LEU A 236 -46.91 -12.90 -1.28
N PRO A 237 -48.13 -13.16 -1.82
CA PRO A 237 -49.18 -12.14 -1.86
C PRO A 237 -49.59 -11.62 -0.48
N ALA A 238 -50.13 -10.40 -0.46
CA ALA A 238 -50.57 -9.71 0.76
C ALA A 238 -49.43 -9.37 1.74
N GLY A 239 -48.25 -9.14 1.19
CA GLY A 239 -47.10 -8.67 1.98
C GLY A 239 -46.29 -9.75 2.68
N TRP A 240 -46.74 -11.01 2.59
CA TRP A 240 -46.07 -12.12 3.23
C TRP A 240 -44.80 -12.55 2.49
N THR A 241 -43.91 -13.24 3.20
CA THR A 241 -42.65 -13.72 2.64
C THR A 241 -42.20 -15.01 3.32
N ILE A 242 -42.09 -16.08 2.53
CA ILE A 242 -41.57 -17.36 3.03
C ILE A 242 -40.08 -17.49 2.72
N TYR A 243 -39.30 -17.81 3.75
CA TYR A 243 -37.85 -17.95 3.61
C TYR A 243 -37.29 -19.12 4.41
N GLY A 244 -36.35 -19.84 3.79
CA GLY A 244 -35.69 -20.98 4.44
C GLY A 244 -34.24 -21.09 4.00
N GLY A 245 -33.55 -22.09 4.57
CA GLY A 245 -32.13 -22.30 4.25
C GLY A 245 -31.58 -23.61 4.79
N THR A 246 -30.58 -24.14 4.11
CA THR A 246 -29.92 -25.37 4.51
C THR A 246 -28.40 -25.22 4.45
N GLN A 247 -27.73 -25.51 5.56
CA GLN A 247 -26.26 -25.54 5.59
C GLN A 247 -25.75 -26.88 6.13
N LEU A 248 -25.22 -27.69 5.22
CA LEU A 248 -24.74 -29.03 5.54
C LEU A 248 -23.22 -29.10 5.59
N ALA A 249 -22.71 -29.90 6.52
CA ALA A 249 -21.26 -30.08 6.69
C ALA A 249 -20.94 -31.52 7.09
N ASP A 250 -19.65 -31.80 7.29
CA ASP A 250 -19.20 -33.12 7.72
C ASP A 250 -19.55 -33.41 9.18
N ARG A 251 -19.65 -32.33 9.95
CA ARG A 251 -19.91 -32.27 11.39
C ARG A 251 -21.06 -31.43 11.87
N TYR A 252 -21.77 -30.83 10.96
CA TYR A 252 -22.81 -29.85 11.29
C TYR A 252 -23.97 -29.90 10.30
N ARG A 253 -25.19 -29.85 10.83
CA ARG A 253 -26.40 -29.83 10.00
C ARG A 253 -27.42 -28.84 10.56
N ALA A 254 -28.02 -28.04 9.66
CA ALA A 254 -29.00 -27.03 10.06
C ALA A 254 -30.11 -26.83 9.03
N PHE A 255 -31.26 -26.48 9.52
CA PHE A 255 -32.37 -26.18 8.69
C PHE A 255 -33.12 -25.01 9.21
N ASN A 256 -33.62 -24.21 8.30
CA ASN A 256 -34.38 -23.02 8.68
C ASN A 256 -35.75 -22.94 8.00
N PHE A 257 -36.73 -22.43 8.72
CA PHE A 257 -38.08 -22.24 8.20
C PHE A 257 -38.71 -21.02 8.88
N GLY A 258 -39.10 -20.04 8.06
CA GLY A 258 -39.62 -18.77 8.58
C GLY A 258 -40.59 -18.01 7.71
N ILE A 259 -41.45 -17.22 8.35
CA ILE A 259 -42.41 -16.36 7.65
C ILE A 259 -42.23 -14.89 8.06
N GLY A 260 -42.59 -13.98 7.17
CA GLY A 260 -42.47 -12.54 7.43
C GLY A 260 -43.45 -11.71 6.63
N LYS A 261 -44.31 -10.99 7.34
CA LYS A 261 -45.34 -10.11 6.77
C LYS A 261 -45.04 -8.63 6.70
N ASN A 262 -45.49 -7.97 5.65
CA ASN A 262 -45.28 -6.53 5.52
C ASN A 262 -46.58 -5.76 5.71
N MET A 263 -46.68 -5.08 6.84
CA MET A 263 -47.87 -4.30 7.17
C MET A 263 -47.75 -2.84 6.73
N GLY A 264 -46.53 -2.31 6.81
CA GLY A 264 -46.27 -0.90 6.51
C GLY A 264 -46.64 -0.03 7.69
N ALA A 265 -47.95 0.13 7.91
CA ALA A 265 -48.47 0.75 9.12
C ALA A 265 -48.19 -0.19 10.29
N LEU A 266 -47.60 0.36 11.35
CA LEU A 266 -47.08 -0.42 12.49
C LEU A 266 -45.76 -1.14 12.17
N GLY A 267 -45.39 -1.15 10.89
CA GLY A 267 -44.11 -1.70 10.46
C GLY A 267 -44.17 -3.08 9.84
N ALA A 268 -43.23 -3.94 10.24
CA ALA A 268 -43.14 -5.31 9.72
C ALA A 268 -42.69 -6.30 10.79
N LEU A 269 -43.16 -7.54 10.66
CA LEU A 269 -42.83 -8.60 11.61
C LEU A 269 -42.33 -9.85 10.88
N SER A 270 -41.27 -10.46 11.42
CA SER A 270 -40.67 -11.66 10.84
C SER A 270 -40.31 -12.68 11.91
N VAL A 271 -40.82 -13.91 11.75
CA VAL A 271 -40.58 -14.98 12.71
C VAL A 271 -39.99 -16.21 12.01
N ASP A 272 -38.88 -16.72 12.53
CA ASP A 272 -38.23 -17.91 11.97
C ASP A 272 -37.70 -18.85 13.06
N MET A 273 -37.73 -20.14 12.76
CA MET A 273 -37.26 -21.22 13.60
C MET A 273 -36.11 -21.96 12.98
N THR A 274 -35.14 -22.37 13.77
CA THR A 274 -33.99 -23.09 13.23
C THR A 274 -33.68 -24.37 14.02
N GLN A 275 -33.55 -25.48 13.29
CA GLN A 275 -33.13 -26.75 13.86
C GLN A 275 -31.66 -27.00 13.54
N ALA A 276 -30.88 -27.36 14.56
CA ALA A 276 -29.45 -27.61 14.39
C ALA A 276 -28.98 -28.88 15.08
N ASN A 277 -28.35 -29.75 14.31
CA ASN A 277 -27.71 -30.95 14.84
C ASN A 277 -26.18 -30.81 14.72
N SER A 278 -25.55 -30.49 15.85
CA SER A 278 -24.13 -30.14 15.87
C SER A 278 -23.30 -31.11 16.72
N THR A 279 -22.09 -31.40 16.23
CA THR A 279 -21.12 -32.18 16.98
C THR A 279 -19.91 -31.31 17.31
N LEU A 280 -19.67 -31.13 18.61
CA LEU A 280 -18.60 -30.26 19.10
C LEU A 280 -17.21 -30.90 18.91
N PRO A 281 -16.12 -30.10 19.08
CA PRO A 281 -14.75 -30.59 18.98
C PRO A 281 -14.44 -31.88 19.75
N ASP A 282 -15.18 -32.12 20.84
CA ASP A 282 -15.02 -33.35 21.62
C ASP A 282 -15.95 -34.48 21.14
N ASP A 283 -16.41 -34.37 19.90
CA ASP A 283 -17.29 -35.36 19.25
C ASP A 283 -18.65 -35.56 19.93
N SER A 284 -18.99 -34.66 20.86
CA SER A 284 -20.26 -34.74 21.58
C SER A 284 -21.41 -34.25 20.71
N GLN A 285 -22.40 -35.11 20.51
CA GLN A 285 -23.57 -34.80 19.68
C GLN A 285 -24.60 -33.98 20.46
N HIS A 286 -25.12 -32.93 19.83
CA HIS A 286 -26.09 -32.04 20.47
C HIS A 286 -27.27 -31.72 19.56
N ASP A 287 -28.47 -31.75 20.15
CA ASP A 287 -29.70 -31.36 19.47
C ASP A 287 -30.12 -29.97 19.93
N GLY A 288 -30.30 -29.05 18.98
CA GLY A 288 -30.60 -27.66 19.30
C GLY A 288 -31.69 -27.01 18.49
N GLN A 289 -32.45 -26.14 19.14
CA GLN A 289 -33.54 -25.38 18.51
C GLN A 289 -33.39 -23.90 18.85
N SER A 290 -33.76 -23.03 17.90
CA SER A 290 -33.70 -21.59 18.11
C SER A 290 -34.83 -20.84 17.41
N VAL A 291 -35.61 -20.10 18.20
CA VAL A 291 -36.67 -19.25 17.68
C VAL A 291 -36.18 -17.81 17.57
N ARG A 292 -36.58 -17.13 16.49
CA ARG A 292 -36.10 -15.78 16.21
C ARG A 292 -37.26 -14.85 15.84
N PHE A 293 -37.30 -13.69 16.50
CA PHE A 293 -38.32 -12.68 16.25
C PHE A 293 -37.68 -11.38 15.77
N LEU A 294 -38.30 -10.76 14.76
CA LEU A 294 -37.82 -9.50 14.20
C LEU A 294 -38.97 -8.51 14.04
N TYR A 295 -38.75 -7.28 14.51
CA TYR A 295 -39.77 -6.23 14.43
C TYR A 295 -39.18 -4.92 13.91
N ASN A 296 -39.98 -4.21 13.11
CA ASN A 296 -39.58 -2.93 12.51
C ASN A 296 -40.73 -1.93 12.50
N LYS A 297 -40.41 -0.66 12.30
CA LYS A 297 -41.42 0.41 12.18
C LYS A 297 -41.10 1.30 10.98
N SER A 298 -42.15 1.75 10.29
CA SER A 298 -42.02 2.56 9.08
C SER A 298 -41.22 3.85 9.30
N LEU A 299 -40.48 4.25 8.27
CA LEU A 299 -39.64 5.45 8.32
C LEU A 299 -40.48 6.73 8.27
N GLY A 303 -38.79 13.34 10.66
CA GLY A 303 -37.56 12.99 9.96
C GLY A 303 -37.24 11.51 10.06
N THR A 304 -36.02 11.21 10.51
CA THR A 304 -35.55 9.83 10.65
C THR A 304 -36.15 9.17 11.88
N ASN A 305 -36.96 8.14 11.66
CA ASN A 305 -37.59 7.40 12.75
C ASN A 305 -37.44 5.88 12.57
N ILE A 306 -36.20 5.41 12.67
CA ILE A 306 -35.90 3.99 12.53
C ILE A 306 -36.08 3.26 13.86
N GLN A 307 -36.88 2.18 13.81
CA GLN A 307 -37.16 1.37 14.99
C GLN A 307 -36.92 -0.10 14.66
N LEU A 308 -36.20 -0.79 15.54
CA LEU A 308 -35.87 -2.20 15.35
C LEU A 308 -35.80 -2.93 16.69
N VAL A 309 -36.61 -3.99 16.81
CA VAL A 309 -36.61 -4.86 17.99
C VAL A 309 -36.46 -6.31 17.56
N GLY A 310 -35.39 -6.95 18.04
CA GLY A 310 -35.10 -8.33 17.71
C GLY A 310 -34.86 -9.22 18.92
N TYR A 311 -35.48 -10.39 18.93
CA TYR A 311 -35.34 -11.33 20.03
C TYR A 311 -35.12 -12.76 19.53
N ARG A 312 -33.97 -13.34 19.90
CA ARG A 312 -33.65 -14.72 19.56
C ARG A 312 -33.42 -15.56 20.81
N TYR A 313 -34.20 -16.63 20.96
CA TYR A 313 -34.06 -17.55 22.08
C TYR A 313 -33.53 -18.90 21.58
N SER A 314 -32.42 -19.34 22.18
CA SER A 314 -31.78 -20.60 21.80
C SER A 314 -31.77 -21.60 22.95
N THR A 315 -31.86 -22.88 22.60
CA THR A 315 -31.86 -23.97 23.60
C THR A 315 -30.44 -24.28 24.09
N SER A 316 -30.36 -25.17 25.09
CA SER A 316 -29.09 -25.54 25.70
C SER A 316 -28.15 -26.30 24.76
N GLY A 317 -28.73 -27.08 23.86
CA GLY A 317 -27.96 -27.87 22.90
C GLY A 317 -27.81 -27.23 21.53
N TYR A 318 -28.10 -25.93 21.44
CA TYR A 318 -28.00 -25.19 20.18
C TYR A 318 -26.61 -24.61 19.98
N PHE A 319 -26.04 -24.86 18.81
CA PHE A 319 -24.74 -24.33 18.43
C PHE A 319 -24.73 -23.87 16.97
N ASN A 320 -23.97 -22.82 16.70
CA ASN A 320 -23.79 -22.31 15.34
C ASN A 320 -22.75 -23.12 14.57
N PHE A 321 -22.62 -22.83 13.27
CA PHE A 321 -21.63 -23.49 12.42
C PHE A 321 -20.20 -23.12 12.83
N ALA A 322 -20.02 -21.90 13.29
CA ALA A 322 -18.72 -21.42 13.77
C ALA A 322 -18.31 -22.06 15.09
N ASP A 323 -19.31 -22.47 15.88
CA ASP A 323 -19.08 -23.10 17.18
C ASP A 323 -18.48 -24.49 17.10
N THR A 324 -18.82 -25.23 16.03
CA THR A 324 -18.31 -26.58 15.82
C THR A 324 -16.83 -26.60 15.45
N THR A 325 -16.40 -25.61 14.67
CA THR A 325 -15.03 -25.44 14.23
C THR A 325 -14.27 -24.69 15.26
N TYR A 326 -13.55 -25.38 16.12
CA TYR A 326 -12.86 -24.78 17.21
C TYR A 326 -11.86 -25.75 17.80
N SER A 327 -11.06 -25.28 18.76
CA SER A 327 -10.08 -26.11 19.47
C SER A 327 -10.45 -26.24 20.95
N ARG A 328 -11.76 -26.23 21.22
CA ARG A 328 -12.33 -26.35 22.57
C ARG A 328 -12.03 -25.14 23.48
N MET A 329 -10.75 -24.94 23.82
CA MET A 329 -10.37 -23.88 24.75
C MET A 329 -9.09 -23.15 24.33
N ASN A 330 -9.14 -21.81 24.40
CA ASN A 330 -8.00 -20.96 24.11
C ASN A 330 -8.04 -19.67 24.92
N GLY A 331 -6.93 -19.39 25.62
CA GLY A 331 -6.82 -18.19 26.45
C GLY A 331 -7.08 -18.48 27.91
N THR A 348 -8.22 -11.93 27.01
CA THR A 348 -9.48 -11.50 26.40
C THR A 348 -9.90 -12.46 25.28
N ASP A 349 -10.99 -12.13 24.59
CA ASP A 349 -11.62 -12.98 23.56
C ASP A 349 -11.67 -14.48 23.91
N TYR A 350 -11.93 -14.77 25.18
CA TYR A 350 -12.01 -16.15 25.67
C TYR A 350 -13.35 -16.78 25.32
N TYR A 351 -13.29 -17.98 24.73
CA TYR A 351 -14.49 -18.71 24.36
C TYR A 351 -14.58 -20.05 25.09
N ASN A 352 -15.82 -20.49 25.34
CA ASN A 352 -16.08 -21.80 25.94
C ASN A 352 -17.40 -22.36 25.43
N LEU A 353 -17.36 -23.58 24.91
CA LEU A 353 -18.53 -24.24 24.33
C LEU A 353 -19.50 -24.76 25.40
N ALA A 354 -19.04 -24.80 26.64
CA ALA A 354 -19.88 -25.21 27.79
C ALA A 354 -20.94 -24.16 28.10
N TYR A 355 -20.60 -22.90 27.90
CA TYR A 355 -21.53 -21.80 28.11
C TYR A 355 -21.93 -21.15 26.77
N ASN A 356 -22.95 -21.72 26.14
CA ASN A 356 -23.44 -21.24 24.85
C ASN A 356 -24.51 -20.16 24.99
N LYS A 357 -24.81 -19.47 23.87
CA LYS A 357 -25.78 -18.38 23.85
C LYS A 357 -27.21 -18.86 24.10
N ARG A 358 -27.93 -18.11 24.94
CA ARG A 358 -29.31 -18.43 25.27
C ARG A 358 -30.29 -17.44 24.65
N GLY A 359 -30.52 -16.33 25.34
CA GLY A 359 -31.46 -15.30 24.88
C GLY A 359 -30.78 -14.04 24.42
N LYS A 360 -31.09 -13.61 23.20
CA LYS A 360 -30.50 -12.41 22.62
C LYS A 360 -31.54 -11.34 22.36
N LEU A 361 -31.52 -10.29 23.19
CA LEU A 361 -32.41 -9.16 23.03
C LEU A 361 -31.67 -8.04 22.29
N GLN A 362 -32.30 -7.37 21.34
CA GLN A 362 -31.73 -6.23 20.64
C GLN A 362 -32.76 -5.20 20.46
N LEU A 363 -32.32 -3.98 20.53
CA LEU A 363 -33.18 -2.79 20.40
C LEU A 363 -32.40 -1.64 19.77
N THR A 364 -32.97 -1.07 18.71
CA THR A 364 -32.38 0.08 18.03
C THR A 364 -33.48 1.05 17.60
N VAL A 365 -33.66 2.12 18.38
CA VAL A 365 -34.70 3.12 18.10
C VAL A 365 -34.13 4.51 17.85
N THR A 366 -34.81 5.28 16.99
CA THR A 366 -34.42 6.64 16.67
C THR A 366 -35.66 7.55 16.67
N GLN A 367 -35.60 8.66 17.35
CA GLN A 367 -36.72 9.57 17.38
C GLN A 367 -36.30 10.91 16.91
N GLN A 368 -37.18 11.54 16.16
CA GLN A 368 -37.00 12.89 15.63
C GLN A 368 -37.95 13.86 16.34
N LEU A 369 -37.43 14.54 17.36
CA LEU A 369 -38.20 15.51 18.12
C LEU A 369 -38.03 16.91 17.53
N GLY A 370 -38.52 17.06 16.29
CA GLY A 370 -38.33 18.31 15.55
C GLY A 370 -37.05 18.30 14.74
N ARG A 371 -36.79 19.38 14.02
CA ARG A 371 -35.60 19.51 13.19
C ARG A 371 -34.33 19.68 14.03
N THR A 372 -34.46 20.39 15.14
CA THR A 372 -33.33 20.68 16.03
C THR A 372 -32.87 19.45 16.82
N SER A 373 -33.82 18.73 17.41
CA SER A 373 -33.52 17.60 18.29
C SER A 373 -33.49 16.26 17.55
N THR A 374 -32.42 15.50 17.80
CA THR A 374 -32.28 14.14 17.27
C THR A 374 -31.83 13.19 18.37
N LEU A 375 -32.60 12.13 18.59
CA LEU A 375 -32.33 11.17 19.65
C LEU A 375 -32.13 9.75 19.11
N TYR A 376 -31.04 9.11 19.51
CA TYR A 376 -30.78 7.71 19.17
C TYR A 376 -30.64 6.86 20.43
N LEU A 377 -31.14 5.63 20.37
CA LEU A 377 -31.09 4.70 21.48
C LEU A 377 -30.90 3.27 20.99
N SER A 378 -29.67 2.77 21.10
CA SER A 378 -29.34 1.41 20.69
C SER A 378 -28.89 0.56 21.88
N GLY A 379 -29.43 -0.65 21.98
CA GLY A 379 -29.12 -1.55 23.07
C GLY A 379 -29.18 -3.02 22.69
N SER A 380 -28.40 -3.84 23.42
CA SER A 380 -28.36 -5.29 23.19
C SER A 380 -28.10 -6.03 24.50
N HIS A 381 -28.71 -7.22 24.61
CA HIS A 381 -28.57 -8.06 25.80
C HIS A 381 -28.39 -9.53 25.40
N GLN A 382 -27.41 -10.19 26.03
CA GLN A 382 -27.12 -11.58 25.75
C GLN A 382 -26.97 -12.39 27.05
N THR A 383 -27.71 -13.50 27.13
CA THR A 383 -27.62 -14.42 28.26
C THR A 383 -27.00 -15.74 27.84
N TYR A 384 -26.37 -16.43 28.79
CA TYR A 384 -25.69 -17.69 28.52
C TYR A 384 -26.18 -18.83 29.42
N TRP A 385 -26.12 -20.06 28.89
CA TRP A 385 -26.49 -21.25 29.65
C TRP A 385 -25.42 -21.60 30.68
N GLY A 386 -25.86 -21.89 31.90
CA GLY A 386 -24.95 -22.24 32.99
C GLY A 386 -24.66 -21.06 33.90
N THR A 387 -23.80 -20.16 33.44
CA THR A 387 -23.42 -18.97 34.20
C THR A 387 -24.48 -17.88 34.12
N SER A 388 -24.55 -17.05 35.16
CA SER A 388 -25.50 -15.93 35.23
C SER A 388 -24.92 -14.65 34.63
N ASN A 389 -23.75 -14.80 34.03
CA ASN A 389 -23.07 -13.72 33.37
C ASN A 389 -23.80 -13.33 32.14
N VAL A 390 -23.74 -12.06 31.79
CA VAL A 390 -24.44 -11.58 30.64
C VAL A 390 -23.58 -10.65 29.88
N ASP A 391 -23.97 -10.32 28.67
CA ASP A 391 -23.27 -9.41 27.82
C ASP A 391 -24.26 -8.29 27.56
N GLU A 392 -23.95 -7.07 27.93
CA GLU A 392 -24.83 -5.98 27.70
C GLU A 392 -24.13 -4.94 27.00
N GLN A 393 -24.71 -4.41 25.99
CA GLN A 393 -24.17 -3.23 25.32
C GLN A 393 -25.30 -2.22 25.09
N PHE A 394 -25.10 -1.00 25.60
CA PHE A 394 -26.13 0.04 25.51
C PHE A 394 -25.52 1.39 25.15
N GLN A 395 -26.06 2.02 24.12
CA GLN A 395 -25.62 3.34 23.67
C GLN A 395 -26.81 4.31 23.55
N ALA A 396 -26.80 5.48 24.18
CA ALA A 396 -27.88 6.50 24.02
C ALA A 396 -27.24 7.87 23.78
N GLY A 397 -27.60 8.59 22.74
CA GLY A 397 -27.05 9.92 22.45
C GLY A 397 -28.27 10.85 22.26
N LEU A 398 -28.36 12.00 22.92
CA LEU A 398 -29.47 12.93 22.69
C LEU A 398 -28.88 14.23 22.09
N ASN A 399 -29.29 14.73 20.91
CA ASN A 399 -28.61 15.84 20.25
C ASN A 399 -29.54 16.98 19.89
N THR A 400 -29.04 18.21 20.01
CA THR A 400 -29.77 19.41 19.64
C THR A 400 -28.82 20.37 18.92
N ALA A 401 -29.12 20.68 17.66
CA ALA A 401 -28.24 21.51 16.83
C ALA A 401 -28.99 22.56 16.02
N PHE A 402 -28.66 23.83 16.27
CA PHE A 402 -29.21 24.97 15.54
C PHE A 402 -28.30 26.20 15.66
N GLU A 403 -28.61 27.26 14.92
CA GLU A 403 -27.73 28.42 14.80
C GLU A 403 -27.79 29.39 16.00
N ASP A 404 -27.61 28.85 17.19
CA ASP A 404 -27.51 29.63 18.43
C ASP A 404 -26.63 28.89 19.44
N ILE A 405 -26.93 27.61 19.64
CA ILE A 405 -26.21 26.76 20.59
C ILE A 405 -26.35 25.28 20.18
N ASN A 406 -25.36 24.46 20.54
CA ASN A 406 -25.36 23.04 20.23
C ASN A 406 -25.23 22.18 21.49
N TRP A 407 -26.33 21.52 21.86
CA TRP A 407 -26.35 20.62 23.00
C TRP A 407 -26.30 19.17 22.53
N THR A 408 -25.47 18.36 23.21
CA THR A 408 -25.42 16.92 22.96
C THR A 408 -25.11 16.12 24.22
N LEU A 409 -26.08 15.32 24.66
CA LEU A 409 -25.93 14.43 25.80
C LEU A 409 -25.66 13.02 25.28
N SER A 410 -24.70 12.33 25.89
CA SER A 410 -24.34 10.98 25.49
C SER A 410 -24.21 10.04 26.69
N TYR A 411 -24.71 8.82 26.51
CA TYR A 411 -24.65 7.79 27.54
C TYR A 411 -24.17 6.46 26.97
N SER A 412 -23.27 5.80 27.70
CA SER A 412 -22.73 4.51 27.28
C SER A 412 -22.68 3.52 28.44
N LEU A 413 -23.32 2.37 28.25
CA LEU A 413 -23.34 1.30 29.24
C LEU A 413 -22.80 0.01 28.62
N THR A 414 -21.62 -0.40 29.08
CA THR A 414 -20.95 -1.59 28.57
C THR A 414 -20.70 -2.61 29.68
N LYS A 415 -21.21 -3.83 29.49
CA LYS A 415 -21.04 -4.90 30.46
C LYS A 415 -20.83 -6.25 29.77
N ASN A 416 -19.69 -6.87 30.04
CA ASN A 416 -19.36 -8.17 29.47
C ASN A 416 -19.36 -9.28 30.52
N ALA A 417 -19.18 -10.52 30.07
CA ALA A 417 -19.02 -11.66 30.96
C ALA A 417 -17.62 -11.66 31.59
N TRP A 418 -17.36 -12.66 32.44
CA TRP A 418 -16.06 -12.84 33.12
C TRP A 418 -15.51 -11.65 33.93
N GLN A 419 -16.10 -10.46 33.75
CA GLN A 419 -15.61 -9.24 34.40
C GLN A 419 -16.54 -8.72 35.50
N LYS A 420 -17.85 -8.98 35.35
CA LYS A 420 -18.88 -8.51 36.27
C LYS A 420 -19.08 -6.98 36.26
N GLY A 421 -17.97 -6.25 36.27
CA GLY A 421 -17.99 -4.78 36.29
C GLY A 421 -18.58 -4.16 35.04
N ARG A 422 -19.32 -3.08 35.24
CA ARG A 422 -19.99 -2.37 34.14
C ARG A 422 -19.53 -0.91 34.06
N ASP A 423 -19.29 -0.43 32.84
CA ASP A 423 -18.79 0.92 32.62
C ASP A 423 -19.92 1.86 32.19
N GLN A 424 -20.37 2.70 33.13
CA GLN A 424 -21.39 3.71 32.87
C GLN A 424 -20.72 5.04 32.58
N MET A 425 -20.92 5.56 31.37
CA MET A 425 -20.31 6.82 30.95
C MET A 425 -21.35 7.87 30.57
N LEU A 426 -21.23 9.05 31.17
CA LEU A 426 -22.09 10.19 30.87
C LEU A 426 -21.29 11.34 30.28
N ALA A 427 -21.64 11.72 29.06
CA ALA A 427 -20.94 12.80 28.35
C ALA A 427 -21.88 13.95 28.01
N LEU A 428 -21.34 15.17 28.10
CA LEU A 428 -22.11 16.38 27.79
C LEU A 428 -21.22 17.41 27.10
N ASN A 429 -21.55 17.70 25.84
CA ASN A 429 -20.82 18.69 25.05
C ASN A 429 -21.70 19.88 24.67
N VAL A 430 -21.23 21.08 25.00
CA VAL A 430 -21.97 22.31 24.71
C VAL A 430 -21.14 23.20 23.77
N ASN A 431 -21.68 23.46 22.58
CA ASN A 431 -21.00 24.29 21.58
C ASN A 431 -21.74 25.61 21.32
N ILE A 432 -21.04 26.72 21.55
CA ILE A 432 -21.62 28.05 21.36
C ILE A 432 -20.83 28.82 20.29
N PRO A 433 -21.44 29.01 19.10
CA PRO A 433 -20.78 29.76 18.02
C PRO A 433 -20.83 31.27 18.25
N PHE A 434 -19.77 31.96 17.83
CA PHE A 434 -19.68 33.42 17.96
C PHE A 434 -20.37 34.13 16.80
N ALA A 449 -12.20 33.35 11.20
CA ALA A 449 -12.58 34.41 12.13
C ALA A 449 -13.72 33.99 13.05
N SER A 450 -14.71 33.32 12.47
CA SER A 450 -15.87 32.83 13.24
C SER A 450 -15.50 31.61 14.07
N ALA A 451 -15.56 31.77 15.39
CA ALA A 451 -15.17 30.72 16.33
C ALA A 451 -16.37 30.08 17.01
N SER A 452 -16.13 28.94 17.67
CA SER A 452 -17.16 28.24 18.43
C SER A 452 -16.62 27.71 19.76
N TYR A 453 -17.19 28.20 20.85
CA TYR A 453 -16.76 27.83 22.20
C TYR A 453 -17.31 26.47 22.59
N SER A 454 -16.44 25.61 23.12
CA SER A 454 -16.82 24.24 23.48
C SER A 454 -16.71 23.98 24.99
N MET A 455 -17.65 23.20 25.50
CA MET A 455 -17.69 22.80 26.92
C MET A 455 -18.00 21.31 27.04
N SER A 456 -16.97 20.51 27.33
CA SER A 456 -17.11 19.06 27.42
C SER A 456 -16.84 18.51 28.82
N HIS A 457 -17.72 17.63 29.28
CA HIS A 457 -17.59 16.99 30.58
C HIS A 457 -17.81 15.48 30.45
N ASP A 458 -16.97 14.70 31.13
CA ASP A 458 -17.09 13.24 31.12
C ASP A 458 -17.18 12.67 32.53
N LEU A 459 -18.09 11.72 32.71
CA LEU A 459 -18.28 11.03 33.99
C LEU A 459 -18.36 9.53 33.80
N ASN A 460 -17.36 8.83 34.27
CA ASN A 460 -17.31 7.42 34.08
C ASN A 460 -17.20 6.73 35.39
N GLY A 461 -18.15 5.92 35.76
CA GLY A 461 -17.92 5.19 36.98
C GLY A 461 -17.56 6.17 38.06
N ARG A 462 -16.42 5.93 38.70
CA ARG A 462 -15.88 6.65 39.84
C ARG A 462 -14.71 7.57 39.45
N MET A 463 -14.84 8.21 38.29
CA MET A 463 -13.86 9.20 37.82
C MET A 463 -14.52 10.29 36.97
N THR A 464 -13.93 11.48 36.99
CA THR A 464 -14.49 12.64 36.29
C THR A 464 -13.47 13.35 35.40
N ASN A 465 -13.99 14.04 34.37
CA ASN A 465 -13.16 14.79 33.42
C ASN A 465 -13.85 16.10 33.03
N LEU A 466 -13.10 17.20 33.09
CA LEU A 466 -13.62 18.53 32.77
C LEU A 466 -12.77 19.26 31.72
N ALA A 467 -13.45 19.96 30.81
CA ALA A 467 -12.80 20.75 29.77
C ALA A 467 -13.70 21.89 29.28
N GLY A 468 -13.07 23.00 28.88
CA GLY A 468 -13.80 24.16 28.37
C GLY A 468 -12.89 25.11 27.60
N VAL A 469 -13.13 25.21 26.30
CA VAL A 469 -12.26 25.98 25.39
C VAL A 469 -13.01 26.36 24.09
N TYR A 470 -12.27 26.53 22.99
CA TYR A 470 -12.85 26.85 21.68
C TYR A 470 -12.54 25.79 20.62
N GLY A 471 -13.06 25.98 19.41
CA GLY A 471 -12.82 25.06 18.29
C GLY A 471 -13.69 25.36 17.08
N THR A 472 -13.05 25.64 15.95
CA THR A 472 -13.76 26.01 14.71
C THR A 472 -13.01 25.58 13.44
N LEU A 473 -13.50 26.02 12.28
CA LEU A 473 -12.92 25.65 10.99
C LEU A 473 -12.24 26.83 10.27
N LEU A 474 -11.19 26.51 9.49
CA LEU A 474 -10.47 27.49 8.68
C LEU A 474 -10.60 27.17 7.19
N GLU A 475 -10.01 28.04 6.36
CA GLU A 475 -10.05 27.92 4.90
C GLU A 475 -11.46 27.69 4.36
N ASP A 476 -12.37 28.59 4.74
CA ASP A 476 -13.79 28.54 4.37
C ASP A 476 -14.57 27.36 4.95
N ASN A 477 -14.28 26.15 4.47
CA ASN A 477 -15.05 24.96 4.84
C ASN A 477 -14.21 23.73 5.23
N ASN A 478 -13.21 23.41 4.40
CA ASN A 478 -12.47 22.15 4.51
C ASN A 478 -11.60 21.96 5.77
N LEU A 479 -10.68 22.90 6.00
CA LEU A 479 -9.74 22.81 7.12
C LEU A 479 -10.44 23.05 8.46
N SER A 480 -10.07 22.26 9.47
CA SER A 480 -10.67 22.37 10.81
C SER A 480 -9.63 22.20 11.90
N TYR A 481 -9.77 22.96 12.98
CA TYR A 481 -8.86 22.90 14.11
C TYR A 481 -9.59 22.99 15.46
N SER A 482 -9.08 22.27 16.45
CA SER A 482 -9.65 22.28 17.79
C SER A 482 -8.57 22.06 18.85
N VAL A 483 -8.27 23.11 19.61
CA VAL A 483 -7.26 23.04 20.66
C VAL A 483 -7.93 23.03 22.04
N GLN A 484 -8.01 21.85 22.63
CA GLN A 484 -8.66 21.66 23.93
C GLN A 484 -7.72 21.77 25.12
N THR A 485 -8.29 22.17 26.26
CA THR A 485 -7.55 22.26 27.53
C THR A 485 -8.47 22.02 28.73
N GLY A 486 -7.90 21.52 29.82
CA GLY A 486 -8.65 21.23 31.03
C GLY A 486 -7.89 20.32 32.00
N TYR A 487 -8.63 19.68 32.90
CA TYR A 487 -8.03 18.78 33.88
C TYR A 487 -8.67 17.39 33.84
N ALA A 488 -7.88 16.36 34.07
CA ALA A 488 -8.35 14.99 34.04
C ALA A 488 -7.82 14.25 35.20
N GLY A 489 -8.64 13.53 35.94
CA GLY A 489 -8.08 12.75 37.04
C GLY A 489 -8.95 11.67 37.62
N GLY A 490 -9.81 12.09 38.52
CA GLY A 490 -10.80 11.25 39.14
C GLY A 490 -10.31 10.11 39.99
N GLY A 491 -10.83 8.93 39.71
CA GLY A 491 -10.58 7.74 40.49
C GLY A 491 -9.23 7.08 40.67
N ASP A 492 -8.43 6.93 39.62
CA ASP A 492 -7.14 6.27 39.82
C ASP A 492 -6.02 7.18 39.45
N GLY A 493 -4.85 6.99 40.06
CA GLY A 493 -3.78 7.98 39.88
C GLY A 493 -4.03 9.24 40.69
N ASN A 494 -3.68 10.38 40.10
CA ASN A 494 -3.86 11.68 40.75
C ASN A 494 -4.51 12.71 39.81
N SER A 495 -5.07 13.77 40.41
CA SER A 495 -5.72 14.84 39.64
C SER A 495 -4.69 15.71 38.93
N GLY A 496 -4.56 15.52 37.62
CA GLY A 496 -3.64 16.29 36.79
C GLY A 496 -4.35 17.20 35.81
N SER A 497 -3.64 17.62 34.77
CA SER A 497 -4.20 18.49 33.73
C SER A 497 -3.95 17.91 32.35
N THR A 498 -5.02 17.78 31.57
CA THR A 498 -4.96 17.18 30.24
C THR A 498 -5.55 18.10 29.17
N GLY A 499 -4.79 18.29 28.09
CA GLY A 499 -5.22 19.10 26.95
C GLY A 499 -4.62 18.62 25.65
N TYR A 500 -5.31 18.87 24.54
CA TYR A 500 -4.86 18.44 23.22
C TYR A 500 -5.13 19.45 22.11
N ALA A 501 -4.53 19.23 20.94
CA ALA A 501 -4.73 20.08 19.77
C ALA A 501 -4.77 19.22 18.50
N THR A 502 -5.84 19.39 17.72
CA THR A 502 -6.03 18.60 16.50
C THR A 502 -6.18 19.47 15.23
N LEU A 503 -5.76 18.91 14.11
CA LEU A 503 -5.87 19.58 12.81
C LEU A 503 -6.33 18.59 11.75
N ASN A 504 -7.47 18.88 11.11
CA ASN A 504 -8.05 18.00 10.11
C ASN A 504 -8.43 18.75 8.83
N TYR A 505 -8.07 18.15 7.68
CA TYR A 505 -8.36 18.72 6.37
C TYR A 505 -9.13 17.70 5.53
N ARG A 506 -10.35 18.07 5.12
CA ARG A 506 -11.22 17.18 4.35
C ARG A 506 -11.56 17.76 2.98
N GLY A 507 -10.94 17.21 1.94
CA GLY A 507 -11.21 17.64 0.56
C GLY A 507 -12.27 16.77 -0.09
N GLY A 508 -11.97 16.28 -1.29
CA GLY A 508 -12.86 15.36 -2.00
C GLY A 508 -12.61 13.93 -1.55
N TYR A 509 -12.98 13.66 -0.30
CA TYR A 509 -12.68 12.40 0.39
C TYR A 509 -11.19 12.04 0.35
N GLY A 510 -10.36 13.06 0.60
CA GLY A 510 -8.91 12.89 0.72
C GLY A 510 -8.45 13.47 2.04
N ASN A 511 -8.97 12.90 3.13
CA ASN A 511 -8.79 13.44 4.47
C ASN A 511 -7.40 13.23 5.06
N ALA A 512 -6.95 14.19 5.85
CA ALA A 512 -5.67 14.11 6.54
C ALA A 512 -5.74 14.78 7.91
N ASN A 513 -5.71 13.99 8.96
CA ASN A 513 -5.78 14.49 10.33
C ASN A 513 -4.50 14.26 11.13
N ILE A 514 -4.13 15.25 11.94
CA ILE A 514 -2.95 15.18 12.81
C ILE A 514 -3.21 15.89 14.13
N GLY A 515 -2.84 15.24 15.24
CA GLY A 515 -3.10 15.77 16.57
C GLY A 515 -2.00 15.52 17.60
N TYR A 516 -1.86 16.46 18.53
CA TYR A 516 -0.93 16.35 19.63
C TYR A 516 -1.65 16.48 20.96
N SER A 517 -1.41 15.54 21.87
CA SER A 517 -2.05 15.53 23.18
C SER A 517 -1.03 15.41 24.31
N HIS A 518 -1.37 15.98 25.47
CA HIS A 518 -0.52 15.89 26.65
C HIS A 518 -1.35 15.87 27.94
N SER A 519 -0.85 15.12 28.93
CA SER A 519 -1.45 15.08 30.25
C SER A 519 -0.43 15.51 31.30
N ASP A 520 -0.40 14.81 32.43
CA ASP A 520 0.59 15.07 33.48
C ASP A 520 1.74 14.07 33.41
N ASP A 521 1.61 13.06 32.55
CA ASP A 521 2.62 12.02 32.37
C ASP A 521 2.66 11.44 30.96
N ILE A 522 1.51 11.45 30.28
CA ILE A 522 1.38 10.85 28.95
C ILE A 522 1.37 11.93 27.86
N LYS A 523 2.09 11.67 26.77
CA LYS A 523 2.10 12.54 25.59
C LYS A 523 1.76 11.75 24.33
N GLN A 524 0.84 12.31 23.53
CA GLN A 524 0.35 11.66 22.31
C GLN A 524 0.68 12.46 21.06
N LEU A 525 0.94 11.74 19.96
CA LEU A 525 1.19 12.35 18.66
C LEU A 525 0.72 11.42 17.54
N TYR A 526 -0.49 11.68 17.04
CA TYR A 526 -1.12 10.80 16.05
C TYR A 526 -1.32 11.47 14.68
N TYR A 527 -1.37 10.64 13.64
CA TYR A 527 -1.60 11.08 12.27
C TYR A 527 -2.40 10.04 11.48
N GLY A 528 -3.32 10.52 10.65
CA GLY A 528 -4.19 9.65 9.86
C GLY A 528 -4.53 10.20 8.49
N VAL A 529 -4.53 9.33 7.49
CA VAL A 529 -4.86 9.71 6.11
C VAL A 529 -5.88 8.73 5.52
N SER A 530 -7.02 9.24 5.09
CA SER A 530 -8.04 8.41 4.45
C SER A 530 -8.43 8.97 3.07
N GLY A 531 -8.26 8.15 2.04
CA GLY A 531 -8.55 8.55 0.67
C GLY A 531 -9.29 7.49 -0.12
N GLY A 532 -10.22 7.93 -0.97
CA GLY A 532 -11.01 7.03 -1.80
C GLY A 532 -11.19 7.53 -3.21
N VAL A 533 -10.88 6.67 -4.19
CA VAL A 533 -11.02 7.00 -5.60
C VAL A 533 -12.15 6.20 -6.24
N ASN B 15 -4.99 21.10 -10.63
CA ASN B 15 -6.41 20.78 -10.73
C ASN B 15 -6.66 19.26 -10.75
N ALA B 16 -5.58 18.51 -10.77
CA ALA B 16 -5.58 17.05 -10.80
C ALA B 16 -4.47 16.59 -9.89
N GLY B 17 -4.48 15.32 -9.56
CA GLY B 17 -3.45 14.69 -8.80
C GLY B 17 -3.28 13.49 -9.70
N LEU B 18 -2.09 13.28 -10.22
CA LEU B 18 -1.83 12.25 -11.18
C LEU B 18 -1.02 11.30 -10.34
N LEU B 19 -1.06 10.03 -10.65
CA LEU B 19 -0.30 9.14 -9.87
C LEU B 19 0.01 8.01 -10.82
N ASN B 20 1.14 7.38 -10.65
CA ASN B 20 1.66 6.29 -11.48
C ASN B 20 2.23 5.18 -10.60
N TYR B 21 1.62 3.99 -10.68
CA TYR B 21 1.98 2.87 -9.82
C TYR B 21 2.65 1.72 -10.57
N ASN B 22 3.46 0.94 -9.84
CA ASN B 22 4.14 -0.23 -10.38
C ASN B 22 4.22 -1.35 -9.35
N PHE B 23 3.28 -2.29 -9.43
CA PHE B 23 3.20 -3.41 -8.51
C PHE B 23 3.91 -4.64 -9.08
N SER B 24 4.58 -5.40 -8.21
CA SER B 24 5.26 -6.63 -8.60
C SER B 24 5.23 -7.66 -7.47
N GLY B 25 4.51 -8.75 -7.71
CA GLY B 25 4.40 -9.84 -6.74
C GLY B 25 4.96 -11.14 -7.27
N ASN B 26 5.67 -11.86 -6.41
CA ASN B 26 6.29 -13.14 -6.78
C ASN B 26 6.27 -14.15 -5.64
N SER B 27 5.68 -15.31 -5.91
CA SER B 27 5.61 -16.39 -4.94
C SER B 27 6.43 -17.59 -5.41
N VAL B 28 7.35 -18.05 -4.56
CA VAL B 28 8.22 -19.18 -4.90
C VAL B 28 7.94 -20.41 -4.02
N GLN B 29 8.08 -21.59 -4.64
CA GLN B 29 7.90 -22.86 -3.93
C GLN B 29 8.92 -23.87 -4.44
N ASN B 30 9.93 -24.14 -3.63
CA ASN B 30 11.03 -25.04 -4.01
C ASN B 30 11.15 -26.27 -3.10
N ARG B 31 12.22 -27.05 -3.32
CA ARG B 31 12.48 -28.27 -2.57
C ARG B 31 12.85 -28.02 -1.12
N SER B 36 8.41 -18.99 0.10
CA SER B 36 8.59 -17.56 0.29
C SER B 36 7.72 -16.75 -0.66
N HIS B 37 7.34 -15.55 -0.24
CA HIS B 37 6.59 -14.67 -1.09
C HIS B 37 7.13 -13.27 -1.05
N TYR B 38 7.20 -12.69 -2.22
CA TYR B 38 7.76 -11.34 -2.39
C TYR B 38 6.72 -10.40 -2.98
N ALA B 39 6.74 -9.15 -2.52
CA ALA B 39 5.85 -8.11 -3.03
C ALA B 39 6.53 -6.75 -3.02
N TYR B 40 6.50 -6.07 -4.17
CA TYR B 40 7.14 -4.76 -4.32
C TYR B 40 6.21 -3.76 -5.00
N LEU B 41 6.28 -2.51 -4.55
CA LEU B 41 5.45 -1.43 -5.10
C LEU B 41 6.26 -0.16 -5.35
N ASN B 42 6.10 0.39 -6.55
CA ASN B 42 6.76 1.64 -6.93
C ASN B 42 5.72 2.68 -7.38
N LEU B 43 5.51 3.70 -6.55
CA LEU B 43 4.49 4.71 -6.84
C LEU B 43 5.05 6.12 -7.01
N GLN B 44 4.47 6.86 -7.94
CA GLN B 44 4.82 8.25 -8.19
C GLN B 44 3.58 9.14 -8.03
N SER B 45 3.46 9.76 -6.85
CA SER B 45 2.30 10.57 -6.52
C SER B 45 2.49 12.04 -6.89
N GLY B 46 1.41 12.65 -7.37
CA GLY B 46 1.41 14.07 -7.73
C GLY B 46 0.15 14.77 -7.29
N LEU B 47 0.30 16.00 -6.81
CA LEU B 47 -0.82 16.80 -6.30
C LEU B 47 -0.69 18.25 -6.75
N ASN B 48 -1.70 18.74 -7.48
CA ASN B 48 -1.68 20.08 -8.03
C ASN B 48 -2.89 20.92 -7.63
N ILE B 49 -2.67 21.86 -6.70
CA ILE B 49 -3.69 22.82 -6.29
C ILE B 49 -3.10 24.24 -6.29
N GLY B 50 -3.69 25.12 -7.09
CA GLY B 50 -3.25 26.50 -7.20
C GLY B 50 -1.93 26.64 -7.95
N ALA B 51 -0.86 26.90 -7.21
CA ALA B 51 0.48 27.04 -7.78
C ALA B 51 1.44 25.99 -7.22
N TRP B 52 1.13 25.51 -6.02
CA TRP B 52 1.96 24.50 -5.35
C TRP B 52 1.78 23.11 -5.95
N ARG B 53 2.90 22.43 -6.20
CA ARG B 53 2.88 21.08 -6.75
C ARG B 53 3.55 20.10 -5.77
N LEU B 54 2.74 19.27 -5.13
CA LEU B 54 3.24 18.28 -4.19
C LEU B 54 3.56 16.97 -4.91
N ARG B 55 4.87 16.69 -5.05
CA ARG B 55 5.33 15.48 -5.73
C ARG B 55 5.92 14.49 -4.72
N ASP B 56 5.49 13.23 -4.83
CA ASP B 56 5.91 12.19 -3.89
C ASP B 56 6.38 10.93 -4.62
N ASN B 57 7.40 10.28 -4.06
CA ASN B 57 7.91 9.03 -4.59
C ASN B 57 8.27 8.08 -3.45
N THR B 58 7.47 7.02 -3.30
CA THR B 58 7.64 6.06 -2.20
C THR B 58 7.74 4.62 -2.73
N THR B 59 8.65 3.86 -2.14
CA THR B 59 8.86 2.47 -2.51
C THR B 59 8.49 1.54 -1.35
N TRP B 60 7.61 0.58 -1.62
CA TRP B 60 7.18 -0.40 -0.64
C TRP B 60 7.73 -1.78 -0.96
N SER B 61 8.27 -2.46 0.05
CA SER B 61 8.85 -3.79 -0.11
C SER B 61 8.29 -4.79 0.90
N TYR B 62 8.21 -6.05 0.48
CA TYR B 62 7.70 -7.13 1.32
C TYR B 62 8.44 -8.43 1.05
N ASN B 63 8.96 -9.04 2.12
CA ASN B 63 9.68 -10.31 2.03
C ASN B 63 9.22 -11.30 3.09
N SER B 64 9.05 -12.55 2.70
CA SER B 64 8.60 -13.61 3.60
C SER B 64 9.63 -14.75 3.69
N SER B 65 10.75 -14.46 4.34
CA SER B 65 11.83 -15.43 4.50
C SER B 65 11.51 -16.44 5.60
N ASN B 73 8.91 -6.56 5.67
CA ASN B 73 8.13 -5.40 5.27
C ASN B 73 8.75 -4.10 5.76
N LYS B 74 9.03 -3.19 4.82
CA LYS B 74 9.67 -1.91 5.14
C LYS B 74 9.31 -0.83 4.13
N TRP B 75 9.00 0.36 4.62
CA TRP B 75 8.72 1.52 3.80
C TRP B 75 9.99 2.33 3.53
N GLN B 76 10.10 2.90 2.34
CA GLN B 76 11.25 3.72 1.96
C GLN B 76 10.82 4.82 1.00
N HIS B 77 10.90 6.07 1.47
CA HIS B 77 10.60 7.22 0.62
C HIS B 77 11.87 7.75 -0.03
N ILE B 78 11.75 8.26 -1.25
CA ILE B 78 12.89 8.77 -1.99
C ILE B 78 12.83 10.29 -2.11
N ASN B 79 11.73 10.79 -2.67
CA ASN B 79 11.54 12.22 -2.89
C ASN B 79 10.15 12.70 -2.48
N THR B 80 10.11 13.68 -1.58
CA THR B 80 8.86 14.27 -1.13
C THR B 80 9.04 15.79 -0.99
N TRP B 81 8.55 16.53 -1.99
CA TRP B 81 8.69 17.97 -2.02
C TRP B 81 7.43 18.70 -2.50
N LEU B 82 7.33 19.97 -2.15
CA LEU B 82 6.30 20.86 -2.68
C LEU B 82 6.94 22.05 -3.38
N GLU B 83 6.63 22.21 -4.67
CA GLU B 83 7.27 23.24 -5.49
C GLU B 83 6.29 24.29 -6.01
N ARG B 84 6.74 25.55 -6.00
CA ARG B 84 5.94 26.68 -6.46
C ARG B 84 6.62 27.36 -7.64
N ASP B 85 5.85 27.61 -8.70
CA ASP B 85 6.35 28.29 -9.89
C ASP B 85 6.20 29.80 -9.79
N ILE B 86 7.30 30.47 -9.44
CA ILE B 86 7.34 31.93 -9.37
C ILE B 86 7.57 32.49 -10.77
N ILE B 87 6.53 33.07 -11.36
CA ILE B 87 6.57 33.56 -12.74
C ILE B 87 7.27 34.92 -12.96
N PRO B 88 7.17 35.86 -11.99
CA PRO B 88 7.85 37.15 -12.18
C PRO B 88 9.37 37.03 -12.29
N LEU B 89 9.96 36.11 -11.54
CA LEU B 89 11.40 35.84 -11.59
C LEU B 89 11.74 34.69 -12.53
N ARG B 90 10.70 34.00 -13.02
CA ARG B 90 10.84 32.83 -13.88
C ARG B 90 11.71 31.74 -13.26
N SER B 91 11.31 31.30 -12.07
CA SER B 91 12.05 30.27 -11.33
C SER B 91 11.14 29.43 -10.43
N ARG B 92 11.51 28.17 -10.24
CA ARG B 92 10.79 27.25 -9.36
C ARG B 92 11.33 27.34 -7.94
N LEU B 93 10.46 27.03 -6.97
CA LEU B 93 10.85 27.03 -5.56
C LEU B 93 10.36 25.76 -4.86
N THR B 94 11.22 24.75 -4.84
CA THR B 94 10.93 23.47 -4.19
C THR B 94 11.36 23.44 -2.74
N LEU B 95 10.51 22.89 -1.88
CA LEU B 95 10.78 22.79 -0.44
C LEU B 95 10.57 21.37 0.06
N GLY B 96 11.56 20.84 0.76
CA GLY B 96 11.50 19.49 1.31
C GLY B 96 12.57 18.56 0.78
N ASP B 97 12.16 17.37 0.38
CA ASP B 97 13.08 16.34 -0.11
C ASP B 97 13.07 16.28 -1.63
N GLY B 98 14.18 16.67 -2.24
CA GLY B 98 14.33 16.68 -3.69
C GLY B 98 15.70 16.26 -4.18
N TYR B 99 15.94 16.47 -5.47
CA TYR B 99 17.21 16.09 -6.10
C TYR B 99 17.78 17.21 -6.98
N THR B 100 19.11 17.30 -7.01
CA THR B 100 19.80 18.30 -7.83
C THR B 100 20.05 17.78 -9.24
N GLN B 101 19.99 18.68 -10.22
CA GLN B 101 20.23 18.33 -11.62
C GLN B 101 21.71 18.06 -11.88
N GLY B 102 22.00 16.84 -12.33
CA GLY B 102 23.37 16.42 -12.61
C GLY B 102 23.83 16.76 -14.00
N ASP B 103 24.12 18.04 -14.23
CA ASP B 103 24.60 18.51 -15.52
C ASP B 103 26.05 18.98 -15.47
N ILE B 104 26.43 19.62 -14.37
CA ILE B 104 27.80 20.10 -14.16
C ILE B 104 28.50 19.26 -13.09
N PHE B 105 27.91 19.20 -11.90
CA PHE B 105 28.39 18.35 -10.82
C PHE B 105 27.60 17.04 -10.80
N ASP B 106 28.10 16.07 -10.02
CA ASP B 106 27.39 14.82 -9.82
C ASP B 106 26.15 15.06 -8.95
N GLY B 107 24.98 14.81 -9.53
CA GLY B 107 23.70 15.09 -8.88
C GLY B 107 23.46 14.28 -7.62
N ILE B 108 22.90 14.94 -6.61
CA ILE B 108 22.69 14.35 -5.29
C ILE B 108 21.30 14.67 -4.72
N ASN B 109 20.80 13.77 -3.88
CA ASN B 109 19.54 13.98 -3.17
C ASN B 109 19.73 14.85 -1.94
N PHE B 110 18.81 15.78 -1.71
CA PHE B 110 18.96 16.77 -0.63
C PHE B 110 17.66 17.04 0.14
N ARG B 111 17.82 17.49 1.38
CA ARG B 111 16.70 17.95 2.20
C ARG B 111 16.89 19.44 2.51
N GLY B 112 16.07 20.27 1.87
CA GLY B 112 16.15 21.73 2.04
C GLY B 112 15.36 22.49 1.00
N ALA B 113 16.00 23.48 0.38
CA ALA B 113 15.36 24.34 -0.61
C ALA B 113 16.23 24.54 -1.85
N GLN B 114 15.58 24.74 -2.99
CA GLN B 114 16.28 24.98 -4.26
C GLN B 114 15.52 25.99 -5.12
N LEU B 115 16.26 26.96 -5.66
CA LEU B 115 15.70 27.96 -6.57
C LEU B 115 16.28 27.77 -7.98
N ALA B 116 15.59 26.96 -8.78
CA ALA B 116 16.01 26.68 -10.16
C ALA B 116 15.13 27.43 -11.17
N SER B 117 15.75 27.92 -12.23
CA SER B 117 15.06 28.70 -13.26
C SER B 117 14.02 27.88 -14.01
N ASP B 118 12.96 28.55 -14.47
CA ASP B 118 11.86 27.92 -15.19
C ASP B 118 12.27 27.44 -16.58
N PRO B 131 16.47 6.89 -18.77
CA PRO B 131 17.41 6.02 -19.47
C PRO B 131 16.96 4.57 -19.46
N VAL B 132 17.04 3.91 -20.62
CA VAL B 132 16.65 2.51 -20.76
C VAL B 132 17.79 1.56 -20.34
N ILE B 133 17.43 0.53 -19.58
CA ILE B 133 18.40 -0.46 -19.11
C ILE B 133 18.28 -1.77 -19.88
N HIS B 134 19.40 -2.47 -20.07
CA HIS B 134 19.43 -3.73 -20.80
C HIS B 134 20.16 -4.81 -20.00
N GLY B 135 19.70 -6.05 -20.12
CA GLY B 135 20.29 -7.18 -19.42
C GLY B 135 19.83 -8.54 -19.93
N ILE B 136 20.57 -9.59 -19.55
CA ILE B 136 20.25 -10.96 -19.94
C ILE B 136 20.08 -11.83 -18.69
N ALA B 137 18.96 -12.55 -18.63
CA ALA B 137 18.68 -13.47 -17.53
C ALA B 137 18.64 -14.91 -18.00
N ARG B 138 19.18 -15.82 -17.18
CA ARG B 138 19.22 -17.25 -17.50
C ARG B 138 17.84 -17.90 -17.32
N GLY B 139 17.22 -17.64 -16.17
CA GLY B 139 15.88 -18.16 -15.87
C GLY B 139 14.94 -17.06 -15.44
N THR B 140 13.80 -17.45 -14.86
CA THR B 140 12.83 -16.50 -14.31
C THR B 140 13.37 -15.86 -13.04
N ALA B 141 13.83 -14.62 -13.17
CA ALA B 141 14.53 -13.93 -12.09
C ALA B 141 13.94 -12.54 -11.82
N GLN B 142 13.94 -12.14 -10.55
CA GLN B 142 13.50 -10.80 -10.17
C GLN B 142 14.65 -9.80 -10.29
N VAL B 143 14.36 -8.64 -10.87
CA VAL B 143 15.37 -7.62 -11.15
C VAL B 143 15.16 -6.40 -10.28
N THR B 144 16.22 -6.01 -9.56
CA THR B 144 16.18 -4.85 -8.66
C THR B 144 17.11 -3.75 -9.16
N ILE B 145 16.51 -2.63 -9.55
CA ILE B 145 17.25 -1.44 -9.97
C ILE B 145 17.25 -0.42 -8.84
N LYS B 146 18.43 0.03 -8.44
CA LYS B 146 18.59 1.00 -7.36
C LYS B 146 19.72 1.99 -7.61
N GLN B 147 19.44 3.27 -7.39
CA GLN B 147 20.44 4.34 -7.54
C GLN B 147 20.57 5.17 -6.28
N ASN B 148 21.82 5.51 -5.94
CA ASN B 148 22.16 6.30 -4.74
C ASN B 148 21.61 5.69 -3.44
N GLY B 149 21.41 4.38 -3.44
CA GLY B 149 20.88 3.66 -2.28
C GLY B 149 19.38 3.43 -2.34
N TYR B 150 18.65 4.34 -2.97
CA TYR B 150 17.20 4.26 -3.08
C TYR B 150 16.75 3.21 -4.09
N ASP B 151 15.86 2.32 -3.66
CA ASP B 151 15.25 1.32 -4.54
C ASP B 151 14.15 2.00 -5.35
N ILE B 152 14.30 1.97 -6.67
CA ILE B 152 13.38 2.70 -7.57
C ILE B 152 12.48 1.80 -8.41
N TYR B 153 13.00 0.66 -8.85
CA TYR B 153 12.24 -0.26 -9.72
C TYR B 153 12.48 -1.72 -9.38
N ASN B 154 11.39 -2.48 -9.29
CA ASN B 154 11.43 -3.92 -9.04
C ASN B 154 10.45 -4.66 -9.93
N SER B 155 10.95 -5.63 -10.69
CA SER B 155 10.13 -6.45 -11.58
C SER B 155 10.82 -7.76 -11.95
N THR B 156 10.02 -8.82 -12.04
CA THR B 156 10.51 -10.13 -12.47
C THR B 156 10.29 -10.34 -13.97
N VAL B 157 11.30 -10.88 -14.64
CA VAL B 157 11.28 -11.04 -16.10
C VAL B 157 11.54 -12.49 -16.55
N PRO B 158 10.97 -12.87 -17.71
CA PRO B 158 11.24 -14.18 -18.33
C PRO B 158 12.69 -14.30 -18.83
N PRO B 159 13.18 -15.55 -19.01
CA PRO B 159 14.54 -15.83 -19.50
C PRO B 159 14.86 -15.15 -20.84
N GLY B 160 16.14 -14.80 -21.02
CA GLY B 160 16.60 -14.15 -22.25
C GLY B 160 16.83 -12.65 -22.07
N PRO B 161 16.94 -11.90 -23.18
CA PRO B 161 17.13 -10.46 -23.13
C PRO B 161 15.83 -9.74 -22.75
N PHE B 162 15.92 -8.86 -21.76
CA PHE B 162 14.75 -8.12 -21.30
C PHE B 162 14.96 -6.60 -21.34
N THR B 163 13.90 -5.89 -21.74
CA THR B 163 13.92 -4.43 -21.79
C THR B 163 12.75 -3.87 -20.98
N ILE B 164 13.04 -2.87 -20.14
CA ILE B 164 12.02 -2.25 -19.30
C ILE B 164 11.36 -1.04 -19.97
N ASN B 165 12.17 -0.04 -20.31
CA ASN B 165 11.71 1.17 -21.03
C ASN B 165 10.76 2.09 -20.26
N ASP B 166 9.96 1.52 -19.36
CA ASP B 166 8.96 2.28 -18.61
C ASP B 166 9.43 2.71 -17.21
N ILE B 167 10.75 2.72 -17.02
CA ILE B 167 11.35 3.08 -15.72
C ILE B 167 11.22 4.57 -15.42
N TYR B 168 10.89 4.88 -14.16
CA TYR B 168 10.85 6.26 -13.69
C TYR B 168 11.85 6.41 -12.54
N ALA B 169 13.06 6.83 -12.88
CA ALA B 169 14.15 6.95 -11.92
C ALA B 169 13.98 8.15 -11.00
N ALA B 170 13.83 7.87 -9.70
CA ALA B 170 13.71 8.92 -8.69
C ALA B 170 15.09 9.37 -8.24
N GLY B 171 15.35 10.67 -8.38
CA GLY B 171 16.68 11.23 -8.16
C GLY B 171 17.59 10.91 -9.32
N ASN B 172 17.06 11.04 -10.53
CA ASN B 172 17.77 10.69 -11.77
C ASN B 172 18.93 11.63 -12.10
N SER B 173 20.10 11.29 -11.59
CA SER B 173 21.32 12.07 -11.80
C SER B 173 22.59 11.24 -11.61
N GLY B 174 22.58 10.38 -10.59
CA GLY B 174 23.72 9.53 -10.28
C GLY B 174 23.76 8.24 -11.10
N ASP B 175 24.68 7.35 -10.71
CA ASP B 175 24.85 6.08 -11.40
C ASP B 175 23.79 5.06 -11.02
N LEU B 176 23.32 4.31 -12.02
CA LEU B 176 22.28 3.29 -11.81
C LEU B 176 22.90 1.91 -11.60
N GLN B 177 22.48 1.26 -10.52
CA GLN B 177 22.93 -0.10 -10.20
C GLN B 177 21.77 -1.09 -10.32
N VAL B 178 21.97 -2.10 -11.16
CA VAL B 178 20.94 -3.10 -11.42
C VAL B 178 21.40 -4.51 -11.04
N THR B 179 20.62 -5.18 -10.19
CA THR B 179 20.93 -6.52 -9.72
C THR B 179 19.87 -7.53 -10.16
N ILE B 180 20.33 -8.67 -10.69
CA ILE B 180 19.43 -9.72 -11.15
C ILE B 180 19.63 -10.99 -10.31
N LYS B 181 18.73 -11.21 -9.36
CA LYS B 181 18.79 -12.38 -8.49
C LYS B 181 18.09 -13.58 -9.14
N GLU B 182 18.90 -14.58 -9.50
CA GLU B 182 18.42 -15.77 -10.22
C GLU B 182 17.63 -16.71 -9.31
N ALA B 183 17.06 -17.75 -9.90
CA ALA B 183 16.41 -18.80 -9.13
C ALA B 183 17.48 -19.48 -8.29
N ASP B 184 18.63 -19.76 -8.88
CA ASP B 184 19.74 -20.27 -8.13
C ASP B 184 20.05 -19.01 -7.42
N GLY B 185 20.67 -19.03 -6.26
CA GLY B 185 20.89 -17.76 -5.62
C GLY B 185 22.08 -17.08 -6.26
N SER B 186 21.89 -16.67 -7.50
CA SER B 186 22.96 -16.01 -8.25
C SER B 186 22.62 -14.57 -8.59
N THR B 187 23.54 -13.66 -8.29
CA THR B 187 23.33 -12.24 -8.59
C THR B 187 24.35 -11.70 -9.57
N GLN B 188 23.85 -11.06 -10.63
CA GLN B 188 24.69 -10.40 -11.63
C GLN B 188 24.62 -8.89 -11.42
N ILE B 189 25.62 -8.34 -10.75
CA ILE B 189 25.66 -6.91 -10.44
C ILE B 189 26.52 -6.17 -11.46
N PHE B 190 25.90 -5.23 -12.17
CA PHE B 190 26.61 -4.36 -13.11
C PHE B 190 26.10 -2.93 -13.07
N THR B 191 27.02 -2.00 -12.82
CA THR B 191 26.68 -0.59 -12.64
C THR B 191 26.85 0.19 -13.94
N VAL B 192 25.72 0.46 -14.60
CA VAL B 192 25.70 1.30 -15.79
C VAL B 192 25.13 2.69 -15.43
N PRO B 193 25.99 3.72 -15.48
CA PRO B 193 25.64 5.07 -15.03
C PRO B 193 24.68 5.80 -15.96
N TYR B 194 24.30 7.00 -15.53
CA TYR B 194 23.42 7.85 -16.27
C TYR B 194 24.06 8.41 -17.51
N SER B 195 23.33 8.38 -18.60
CA SER B 195 23.89 8.89 -19.85
C SER B 195 24.07 10.41 -19.81
N SER B 196 25.32 10.85 -19.88
CA SER B 196 25.66 12.27 -19.79
C SER B 196 25.66 12.95 -21.16
N VAL B 197 24.82 13.97 -21.29
CA VAL B 197 24.70 14.74 -22.52
C VAL B 197 25.38 16.11 -22.41
N PRO B 198 25.94 16.62 -23.52
CA PRO B 198 26.55 17.96 -23.54
C PRO B 198 25.55 19.06 -23.20
N LEU B 199 26.02 20.10 -22.52
CA LEU B 199 25.16 21.20 -22.10
C LEU B 199 24.90 22.17 -23.24
N LEU B 200 23.62 22.31 -23.61
CA LEU B 200 23.22 23.19 -24.70
C LEU B 200 22.25 24.28 -24.25
N GLN B 201 22.48 25.49 -24.74
CA GLN B 201 21.64 26.64 -24.46
C GLN B 201 21.54 27.51 -25.72
N ARG B 202 20.49 28.33 -25.80
CA ARG B 202 20.21 29.12 -27.00
C ARG B 202 21.10 30.36 -27.12
N GLU B 203 20.55 31.54 -26.78
CA GLU B 203 21.28 32.80 -26.88
C GLU B 203 20.85 33.79 -25.80
N GLY B 204 19.54 33.93 -25.62
CA GLY B 204 18.98 34.83 -24.61
C GLY B 204 18.64 34.13 -23.31
N HIS B 205 18.88 32.83 -23.26
CA HIS B 205 18.59 32.02 -22.08
C HIS B 205 19.70 32.06 -21.04
N THR B 206 19.31 32.11 -19.78
CA THR B 206 20.25 32.09 -18.65
C THR B 206 19.72 31.14 -17.57
N ARG B 207 20.25 29.92 -17.55
CA ARG B 207 19.83 28.89 -16.60
C ARG B 207 20.64 28.98 -15.31
N TYR B 208 19.94 28.97 -14.18
CA TYR B 208 20.58 29.00 -12.87
C TYR B 208 19.81 28.15 -11.84
N SER B 209 20.54 27.55 -10.91
CA SER B 209 19.94 26.77 -9.84
C SER B 209 20.77 26.86 -8.56
N ILE B 210 20.20 27.51 -7.55
CA ILE B 210 20.86 27.67 -6.25
C ILE B 210 20.12 26.85 -5.19
N THR B 211 20.84 25.90 -4.59
CA THR B 211 20.26 25.01 -3.57
C THR B 211 21.03 25.07 -2.24
N ALA B 212 20.28 24.90 -1.15
CA ALA B 212 20.86 24.88 0.19
C ALA B 212 20.09 23.92 1.10
N GLY B 213 20.82 23.05 1.78
CA GLY B 213 20.23 22.07 2.68
C GLY B 213 21.18 20.94 3.06
N GLU B 214 20.62 19.87 3.62
CA GLU B 214 21.40 18.71 4.05
C GLU B 214 21.43 17.62 2.98
N TYR B 215 22.56 16.94 2.87
CA TYR B 215 22.74 15.84 1.92
C TYR B 215 22.00 14.60 2.38
N ARG B 216 21.07 14.12 1.55
CA ARG B 216 20.34 12.89 1.83
C ARG B 216 21.09 11.69 1.26
N SER B 217 21.39 10.74 2.15
CA SER B 217 22.21 9.58 1.81
C SER B 217 21.46 8.51 1.02
N GLY B 218 20.36 8.03 1.58
CA GLY B 218 19.60 6.93 1.00
C GLY B 218 20.04 5.61 1.58
N ASN B 219 21.26 5.21 1.25
CA ASN B 219 21.88 4.02 1.83
C ASN B 219 22.57 4.36 3.15
N ALA B 220 23.02 3.33 3.87
CA ALA B 220 23.73 3.51 5.13
C ALA B 220 25.17 3.99 4.90
N GLN B 221 26.00 3.86 5.94
CA GLN B 221 27.44 4.19 5.90
C GLN B 221 27.81 5.60 5.39
N GLN B 222 26.80 6.46 5.23
CA GLN B 222 27.00 7.84 4.82
C GLN B 222 26.44 8.82 5.87
N GLU B 223 27.12 9.95 6.04
CA GLU B 223 26.74 10.95 7.04
C GLU B 223 25.75 11.98 6.49
N LYS B 224 25.39 12.95 7.34
CA LYS B 224 24.41 13.98 6.98
C LYS B 224 25.01 15.39 7.16
N PRO B 225 25.73 15.89 6.13
CA PRO B 225 26.27 17.24 6.19
C PRO B 225 25.45 18.26 5.38
N ARG B 226 25.57 19.54 5.72
CA ARG B 226 24.91 20.61 4.98
C ARG B 226 25.82 21.16 3.88
N PHE B 227 25.20 21.64 2.79
CA PHE B 227 25.95 22.14 1.65
C PHE B 227 25.29 23.33 0.95
N PHE B 228 26.03 24.08 0.18
CA PHE B 228 25.46 25.10 -0.65
C PHE B 228 26.03 24.91 -2.01
N GLN B 229 25.16 24.79 -2.97
CA GLN B 229 25.48 24.58 -4.38
C GLN B 229 24.74 25.57 -5.27
N SER B 230 25.50 26.27 -6.11
CA SER B 230 24.93 27.23 -7.06
C SER B 230 25.59 27.13 -8.42
N THR B 231 24.79 26.79 -9.43
CA THR B 231 25.28 26.64 -10.80
C THR B 231 24.71 27.72 -11.72
N LEU B 232 25.42 28.07 -12.77
CA LEU B 232 24.97 29.05 -13.75
C LEU B 232 25.35 28.62 -15.15
N LEU B 233 24.52 28.86 -16.14
CA LEU B 233 24.84 28.51 -17.52
C LEU B 233 24.55 29.63 -18.47
N HIS B 234 25.36 29.84 -19.48
CA HIS B 234 25.07 30.88 -20.41
C HIS B 234 25.10 30.40 -21.82
N GLY B 235 24.21 30.90 -22.64
CA GLY B 235 24.18 30.51 -24.02
C GLY B 235 24.49 31.72 -24.85
N LEU B 236 25.40 31.54 -25.80
CA LEU B 236 25.86 32.58 -26.70
C LEU B 236 25.61 32.19 -28.12
N PRO B 237 25.87 33.10 -29.04
CA PRO B 237 25.67 32.86 -30.48
C PRO B 237 26.67 31.87 -31.08
N ALA B 238 26.35 31.37 -32.28
CA ALA B 238 27.17 30.39 -33.01
C ALA B 238 27.30 29.03 -32.30
N GLY B 239 26.32 28.70 -31.47
CA GLY B 239 26.25 27.41 -30.78
C GLY B 239 27.10 27.31 -29.52
N TRP B 240 27.78 28.34 -29.09
CA TRP B 240 28.53 28.26 -27.87
C TRP B 240 27.73 28.48 -26.63
N THR B 241 28.12 27.83 -25.54
CA THR B 241 27.52 28.06 -24.25
C THR B 241 28.60 27.86 -23.22
N ILE B 242 28.52 28.55 -22.10
CA ILE B 242 29.48 28.40 -21.04
C ILE B 242 28.75 28.19 -19.75
N TYR B 243 29.31 27.41 -18.85
CA TYR B 243 28.68 27.16 -17.60
C TYR B 243 29.63 27.10 -16.45
N GLY B 244 29.16 27.47 -15.31
CA GLY B 244 29.96 27.43 -14.08
C GLY B 244 29.17 26.92 -12.88
N GLY B 245 29.88 26.65 -11.80
CA GLY B 245 29.25 26.14 -10.57
C GLY B 245 30.20 26.06 -9.38
N THR B 246 29.63 26.23 -8.19
CA THR B 246 30.39 26.18 -6.94
C THR B 246 29.69 25.32 -5.89
N GLN B 247 30.48 24.53 -5.16
CA GLN B 247 29.96 23.72 -4.05
C GLN B 247 30.73 24.02 -2.77
N LEU B 248 29.99 24.36 -1.71
CA LEU B 248 30.59 24.73 -0.43
C LEU B 248 30.00 23.90 0.72
N ALA B 249 30.89 23.37 1.56
CA ALA B 249 30.50 22.57 2.72
C ALA B 249 31.52 22.72 3.85
N ASP B 250 31.27 22.04 4.97
CA ASP B 250 32.17 22.06 6.12
C ASP B 250 33.49 21.34 5.82
N ARG B 251 33.39 20.24 5.09
CA ARG B 251 34.56 19.41 4.76
C ARG B 251 34.71 19.17 3.24
N TYR B 252 34.06 20.02 2.44
CA TYR B 252 34.12 19.93 0.99
C TYR B 252 34.04 21.30 0.32
N ARG B 253 34.93 21.53 -0.63
CA ARG B 253 34.94 22.77 -1.42
C ARG B 253 35.18 22.45 -2.89
N ALA B 254 34.39 22.98 -3.78
CA ALA B 254 34.59 22.71 -5.19
C ALA B 254 34.11 23.80 -6.08
N PHE B 255 34.82 24.01 -7.15
CA PHE B 255 34.50 25.02 -8.13
C PHE B 255 34.70 24.52 -9.55
N ASN B 256 33.79 24.83 -10.45
CA ASN B 256 33.88 24.34 -11.79
C ASN B 256 33.47 25.26 -12.88
N PHE B 257 34.06 25.13 -14.05
CA PHE B 257 33.69 25.91 -15.22
C PHE B 257 33.86 25.18 -16.56
N GLY B 258 33.15 25.54 -17.60
CA GLY B 258 33.30 24.80 -18.82
C GLY B 258 32.82 25.48 -20.06
N ILE B 259 33.06 24.86 -21.19
CA ILE B 259 32.70 25.35 -22.51
C ILE B 259 32.01 24.27 -23.35
N GLY B 260 30.98 24.66 -24.09
CA GLY B 260 30.24 23.75 -24.96
C GLY B 260 29.95 24.37 -26.32
N LYS B 261 29.88 23.52 -27.33
CA LYS B 261 29.62 23.94 -28.68
C LYS B 261 28.62 23.07 -29.43
N ASN B 262 27.68 23.67 -30.13
CA ASN B 262 26.75 22.95 -31.00
C ASN B 262 27.12 23.17 -32.47
N MET B 263 27.53 22.08 -33.09
CA MET B 263 28.03 22.08 -34.43
C MET B 263 27.13 21.53 -35.50
N GLY B 264 25.92 21.13 -35.13
CA GLY B 264 25.02 20.61 -36.13
C GLY B 264 25.31 19.24 -36.70
N ALA B 265 25.92 19.23 -37.87
CA ALA B 265 26.20 18.00 -38.55
C ALA B 265 27.13 17.14 -37.78
N LEU B 266 28.14 17.75 -37.19
CA LEU B 266 29.07 16.99 -36.37
C LEU B 266 28.46 16.63 -35.01
N GLY B 267 27.54 17.47 -34.55
CA GLY B 267 26.82 17.24 -33.31
C GLY B 267 27.14 18.25 -32.23
N ALA B 268 27.45 17.75 -31.03
CA ALA B 268 27.75 18.62 -29.89
C ALA B 268 29.01 18.17 -29.14
N LEU B 269 29.78 19.14 -28.66
CA LEU B 269 31.00 18.88 -27.90
C LEU B 269 31.07 19.80 -26.68
N SER B 270 31.38 19.22 -25.52
CA SER B 270 31.43 19.97 -24.27
C SER B 270 32.62 19.56 -23.40
N VAL B 271 33.42 20.54 -22.99
CA VAL B 271 34.60 20.30 -22.16
C VAL B 271 34.54 21.19 -20.90
N ASP B 272 34.70 20.58 -19.74
CA ASP B 272 34.71 21.32 -18.47
C ASP B 272 35.78 20.83 -17.49
N MET B 273 36.22 21.73 -16.61
CA MET B 273 37.25 21.44 -15.63
C MET B 273 36.76 21.69 -14.20
N THR B 274 37.16 20.82 -13.28
CA THR B 274 36.74 20.90 -11.88
C THR B 274 37.91 20.82 -10.93
N GLN B 275 37.95 21.72 -9.95
CA GLN B 275 38.91 21.66 -8.85
C GLN B 275 38.18 21.54 -7.52
N ALA B 276 38.53 20.53 -6.75
CA ALA B 276 37.86 20.26 -5.48
C ALA B 276 38.81 19.95 -4.33
N ASN B 277 38.63 20.67 -3.23
CA ASN B 277 39.35 20.40 -1.98
C ASN B 277 38.47 19.56 -1.06
N SER B 278 38.93 18.36 -0.75
CA SER B 278 38.19 17.42 0.09
C SER B 278 38.93 16.95 1.28
N THR B 279 38.27 16.80 2.40
CA THR B 279 38.90 16.26 3.58
C THR B 279 38.14 15.03 3.91
N LEU B 280 38.80 13.93 4.10
CA LEU B 280 38.11 12.69 4.26
C LEU B 280 37.53 12.33 5.61
N PRO B 281 37.04 11.11 5.70
CA PRO B 281 36.31 10.62 6.84
C PRO B 281 37.12 10.73 8.08
N ASP B 282 38.40 10.64 7.88
CA ASP B 282 39.35 10.82 8.97
C ASP B 282 39.63 12.31 9.22
N ASP B 283 40.85 12.75 8.96
CA ASP B 283 41.23 14.17 9.06
C ASP B 283 42.26 14.59 8.02
N SER B 284 42.60 13.67 7.11
CA SER B 284 43.55 13.95 6.03
C SER B 284 42.92 14.81 4.94
N GLN B 285 43.65 15.84 4.52
CA GLN B 285 43.17 16.79 3.53
C GLN B 285 43.74 16.52 2.14
N HIS B 286 42.87 16.55 1.13
CA HIS B 286 43.27 16.27 -0.25
C HIS B 286 42.68 17.30 -1.22
N ASP B 287 43.36 17.47 -2.36
CA ASP B 287 42.91 18.38 -3.41
C ASP B 287 43.32 17.87 -4.79
N GLY B 288 42.38 18.06 -5.73
CA GLY B 288 42.40 17.56 -7.12
C GLY B 288 41.76 18.40 -8.22
N GLN B 289 41.94 18.03 -9.49
CA GLN B 289 41.34 18.67 -10.67
C GLN B 289 40.71 17.52 -11.46
N SER B 290 39.47 17.64 -11.92
CA SER B 290 38.77 16.61 -12.71
C SER B 290 38.43 17.32 -14.05
N VAL B 291 38.56 16.67 -15.19
CA VAL B 291 38.25 17.19 -16.53
C VAL B 291 37.18 16.26 -17.05
N ARG B 292 36.13 16.73 -17.67
CA ARG B 292 35.08 15.90 -18.21
C ARG B 292 34.95 16.29 -19.65
N PHE B 293 34.93 15.38 -20.60
CA PHE B 293 34.77 15.68 -22.03
C PHE B 293 33.46 15.06 -22.45
N LEU B 294 32.61 15.72 -23.22
CA LEU B 294 31.36 15.09 -23.66
C LEU B 294 31.12 15.24 -25.14
N TYR B 295 30.49 14.26 -25.77
CA TYR B 295 30.27 14.21 -27.22
C TYR B 295 28.92 13.57 -27.57
N ASN B 296 28.22 14.19 -28.52
CA ASN B 296 26.94 13.70 -29.01
C ASN B 296 26.85 13.93 -30.52
N LYS B 297 26.32 12.97 -31.24
CA LYS B 297 26.09 13.15 -32.66
C LYS B 297 24.74 12.65 -33.12
N SER B 298 23.93 13.56 -33.65
CA SER B 298 22.65 13.28 -34.28
C SER B 298 21.57 12.85 -33.34
N THR B 304 16.83 6.01 -36.04
CA THR B 304 17.42 6.77 -34.94
C THR B 304 18.90 6.44 -34.72
N ASN B 305 19.73 7.49 -34.72
CA ASN B 305 21.17 7.34 -34.50
C ASN B 305 21.66 8.22 -33.35
N ILE B 306 21.43 7.77 -32.13
CA ILE B 306 21.87 8.50 -30.94
C ILE B 306 23.28 8.07 -30.49
N GLN B 307 24.19 9.03 -30.48
CA GLN B 307 25.59 8.79 -30.13
C GLN B 307 25.93 9.51 -28.82
N LEU B 308 26.71 8.86 -27.97
CA LEU B 308 27.10 9.44 -26.69
C LEU B 308 28.48 8.97 -26.24
N VAL B 309 29.39 9.87 -26.01
CA VAL B 309 30.66 9.45 -25.50
C VAL B 309 30.88 10.43 -24.42
N GLY B 310 31.28 10.01 -23.23
CA GLY B 310 31.60 10.94 -22.17
C GLY B 310 32.87 10.37 -21.62
N TYR B 311 33.93 11.12 -21.42
CA TYR B 311 35.16 10.62 -20.85
C TYR B 311 35.44 11.53 -19.65
N ARG B 312 35.73 11.04 -18.48
CA ARG B 312 36.03 11.93 -17.39
C ARG B 312 37.32 11.45 -16.79
N TYR B 313 38.37 12.25 -16.70
CA TYR B 313 39.64 11.82 -16.10
C TYR B 313 39.92 12.59 -14.80
N SER B 314 40.21 11.93 -13.69
CA SER B 314 40.42 12.63 -12.44
C SER B 314 41.77 12.37 -11.80
N THR B 315 42.33 13.34 -11.11
CA THR B 315 43.62 13.16 -10.46
C THR B 315 43.48 12.41 -9.14
N SER B 316 44.62 12.06 -8.53
CA SER B 316 44.67 11.28 -7.30
C SER B 316 44.03 11.99 -6.09
N GLY B 317 44.13 13.31 -6.05
CA GLY B 317 43.61 14.10 -4.95
C GLY B 317 42.16 14.54 -5.10
N TYR B 318 41.57 14.25 -6.26
CA TYR B 318 40.19 14.64 -6.55
C TYR B 318 39.18 13.69 -5.91
N PHE B 319 38.17 14.27 -5.27
CA PHE B 319 37.09 13.51 -4.65
C PHE B 319 35.74 14.20 -4.86
N ASN B 320 34.69 13.39 -4.95
CA ASN B 320 33.32 13.89 -5.09
C ASN B 320 32.71 14.23 -3.72
N PHE B 321 31.61 15.00 -3.74
CA PHE B 321 30.91 15.36 -2.52
C PHE B 321 30.25 14.16 -1.84
N ALA B 322 29.82 13.20 -2.66
CA ALA B 322 29.21 11.96 -2.16
C ALA B 322 30.23 11.07 -1.46
N ASP B 323 31.49 11.16 -1.88
CA ASP B 323 32.56 10.35 -1.32
C ASP B 323 32.99 10.79 0.08
N THR B 324 32.89 12.10 0.35
CA THR B 324 33.27 12.68 1.64
C THR B 324 32.31 12.31 2.77
N THR B 325 31.07 12.01 2.43
CA THR B 325 30.02 11.67 3.37
C THR B 325 30.16 10.31 4.00
N TYR B 326 30.97 9.50 3.40
CA TYR B 326 31.21 8.14 3.78
C TYR B 326 32.07 8.16 4.97
N SER B 327 32.50 6.98 5.41
CA SER B 327 33.44 6.85 6.52
C SER B 327 34.57 5.82 6.36
N ARG B 328 35.38 5.90 5.32
CA ARG B 328 36.52 5.03 5.17
C ARG B 328 36.43 3.88 4.22
N MET B 329 35.79 2.80 4.64
CA MET B 329 35.61 1.69 3.75
C MET B 329 34.70 0.66 4.36
N ASN B 330 33.74 0.13 3.60
CA ASN B 330 32.83 -0.84 4.17
C ASN B 330 32.27 -1.93 3.29
N GLY B 331 32.03 -3.06 3.95
CA GLY B 331 31.52 -4.29 3.40
C GLY B 331 30.02 -4.25 3.33
N TYR B 332 29.47 -5.23 2.63
CA TYR B 332 28.04 -5.37 2.50
C TYR B 332 27.65 -5.20 1.03
N ASP B 349 28.16 -3.86 -1.77
CA ASP B 349 28.53 -2.48 -2.12
C ASP B 349 29.83 -2.01 -1.45
N TYR B 350 30.93 -2.61 -1.87
CA TYR B 350 32.25 -2.29 -1.31
C TYR B 350 32.81 -0.99 -1.89
N TYR B 351 33.40 -0.18 -1.03
CA TYR B 351 34.02 1.08 -1.43
C TYR B 351 35.35 1.30 -0.72
N ASN B 352 36.29 1.92 -1.44
CA ASN B 352 37.61 2.23 -0.88
C ASN B 352 38.08 3.60 -1.35
N LEU B 353 38.21 4.53 -0.39
CA LEU B 353 38.62 5.91 -0.69
C LEU B 353 40.14 6.05 -0.87
N ALA B 354 40.88 5.02 -0.49
CA ALA B 354 42.32 4.95 -0.72
C ALA B 354 42.62 4.73 -2.21
N TYR B 355 41.69 4.05 -2.88
CA TYR B 355 41.77 3.82 -4.32
C TYR B 355 40.60 4.50 -5.02
N ASN B 356 40.73 5.81 -5.21
CA ASN B 356 39.67 6.63 -5.81
C ASN B 356 39.56 6.47 -7.33
N LYS B 357 38.48 6.99 -7.89
CA LYS B 357 38.22 6.91 -9.34
C LYS B 357 39.21 7.76 -10.14
N ARG B 358 39.73 7.17 -11.22
CA ARG B 358 40.70 7.85 -12.08
C ARG B 358 40.07 8.26 -13.41
N GLY B 359 39.90 7.30 -14.32
CA GLY B 359 39.37 7.57 -15.65
C GLY B 359 38.08 6.82 -15.95
N LYS B 360 37.04 7.57 -16.28
CA LYS B 360 35.74 6.99 -16.62
C LYS B 360 35.44 7.19 -18.11
N LEU B 361 35.26 6.08 -18.82
CA LEU B 361 34.92 6.11 -20.24
C LEU B 361 33.52 5.54 -20.46
N GLN B 362 32.58 6.41 -20.84
CA GLN B 362 31.19 6.02 -21.05
C GLN B 362 30.82 6.11 -22.53
N LEU B 363 30.17 5.06 -23.02
CA LEU B 363 29.79 4.98 -24.43
C LEU B 363 28.35 4.46 -24.59
N THR B 364 27.55 5.20 -25.36
CA THR B 364 26.18 4.81 -25.68
C THR B 364 25.88 5.14 -27.14
N VAL B 365 25.97 4.14 -28.00
CA VAL B 365 25.79 4.33 -29.44
C VAL B 365 24.63 3.48 -30.01
N THR B 366 24.00 3.99 -31.06
CA THR B 366 22.92 3.29 -31.74
C THR B 366 23.02 3.50 -33.25
N GLN B 367 22.99 2.40 -34.00
CA GLN B 367 23.12 2.44 -35.45
C GLN B 367 21.95 1.73 -36.14
N GLN B 368 21.34 2.42 -37.10
CA GLN B 368 20.25 1.86 -37.90
C GLN B 368 20.81 1.38 -39.24
N LEU B 369 20.90 0.07 -39.40
CA LEU B 369 21.46 -0.55 -40.61
C LEU B 369 20.46 -0.58 -41.76
N GLY B 370 19.18 -0.42 -41.43
CA GLY B 370 18.12 -0.41 -42.43
C GLY B 370 16.73 -0.41 -41.79
N ARG B 371 15.75 -0.87 -42.55
CA ARG B 371 14.38 -0.99 -42.06
C ARG B 371 14.23 -2.18 -41.11
N THR B 372 15.07 -3.19 -41.31
CA THR B 372 14.98 -4.45 -40.56
C THR B 372 15.90 -4.49 -39.35
N SER B 373 17.15 -4.05 -39.53
CA SER B 373 18.19 -4.22 -38.52
C SER B 373 18.37 -3.02 -37.58
N THR B 374 18.57 -3.32 -36.30
CA THR B 374 18.88 -2.32 -35.29
C THR B 374 20.04 -2.79 -34.41
N LEU B 375 21.00 -1.90 -34.17
CA LEU B 375 22.19 -2.21 -33.37
C LEU B 375 22.42 -1.14 -32.30
N TYR B 376 22.64 -1.60 -31.06
CA TYR B 376 22.92 -0.70 -29.95
C TYR B 376 24.05 -1.22 -29.06
N LEU B 377 24.91 -0.32 -28.60
CA LEU B 377 26.01 -0.66 -27.71
C LEU B 377 26.08 0.33 -26.54
N SER B 378 26.00 -0.20 -25.32
CA SER B 378 26.09 0.60 -24.11
C SER B 378 27.17 0.06 -23.19
N GLY B 379 28.21 0.87 -22.96
CA GLY B 379 29.36 0.44 -22.16
C GLY B 379 29.94 1.51 -21.26
N SER B 380 30.52 1.09 -20.15
CA SER B 380 31.19 1.99 -19.21
C SER B 380 32.44 1.34 -18.63
N HIS B 381 33.54 2.10 -18.61
CA HIS B 381 34.83 1.60 -18.14
C HIS B 381 35.44 2.55 -17.10
N GLN B 382 35.82 2.00 -15.96
CA GLN B 382 36.36 2.78 -14.84
C GLN B 382 37.73 2.27 -14.38
N THR B 383 38.68 3.18 -14.24
CA THR B 383 40.01 2.87 -13.69
C THR B 383 40.19 3.53 -12.32
N TYR B 384 41.08 2.95 -11.51
CA TYR B 384 41.32 3.45 -10.16
C TYR B 384 42.81 3.73 -9.89
N TRP B 385 43.07 4.69 -9.01
CA TRP B 385 44.43 5.07 -8.64
C TRP B 385 45.10 4.02 -7.75
N GLY B 386 46.32 3.65 -8.09
CA GLY B 386 47.12 2.70 -7.32
C GLY B 386 46.76 1.24 -7.53
N THR B 387 45.84 0.98 -8.46
CA THR B 387 45.39 -0.37 -8.75
C THR B 387 45.29 -0.60 -10.26
N SER B 388 45.75 -1.77 -10.70
CA SER B 388 45.70 -2.15 -12.11
C SER B 388 44.35 -2.74 -12.51
N ASN B 389 43.51 -3.03 -11.51
CA ASN B 389 42.19 -3.59 -11.73
C ASN B 389 41.23 -2.59 -12.39
N VAL B 390 40.45 -3.08 -13.35
CA VAL B 390 39.52 -2.24 -14.10
C VAL B 390 38.06 -2.67 -13.91
N ASP B 391 37.18 -1.68 -13.83
CA ASP B 391 35.75 -1.92 -13.68
C ASP B 391 35.06 -1.77 -15.04
N GLU B 392 34.54 -2.89 -15.55
CA GLU B 392 33.95 -2.93 -16.88
C GLU B 392 32.48 -3.31 -16.90
N GLN B 393 31.69 -2.53 -17.63
CA GLN B 393 30.30 -2.86 -17.93
C GLN B 393 30.08 -2.69 -19.43
N PHE B 394 29.47 -3.70 -20.06
CA PHE B 394 29.23 -3.68 -21.50
C PHE B 394 27.92 -4.36 -21.86
N GLN B 395 27.23 -3.79 -22.85
CA GLN B 395 25.93 -4.31 -23.28
C GLN B 395 25.73 -4.10 -24.78
N ALA B 396 25.75 -5.20 -25.53
CA ALA B 396 25.56 -5.17 -26.97
C ALA B 396 24.28 -5.89 -27.38
N GLY B 397 23.69 -5.47 -28.49
CA GLY B 397 22.44 -6.06 -28.97
C GLY B 397 22.13 -5.85 -30.43
N LEU B 398 21.98 -6.96 -31.16
CA LEU B 398 21.52 -6.95 -32.54
C LEU B 398 20.07 -7.41 -32.61
N ASN B 399 19.30 -6.82 -33.52
CA ASN B 399 17.89 -7.17 -33.70
C ASN B 399 17.43 -6.97 -35.14
N THR B 400 16.78 -8.01 -35.69
CA THR B 400 16.28 -7.98 -37.06
C THR B 400 14.89 -8.59 -37.12
N ALA B 401 13.91 -7.81 -37.60
CA ALA B 401 12.53 -8.25 -37.71
C ALA B 401 11.84 -7.64 -38.93
N PHE B 402 11.20 -8.49 -39.73
CA PHE B 402 10.52 -8.07 -40.95
C PHE B 402 9.36 -9.00 -41.33
N GLU B 403 8.50 -9.29 -40.35
CA GLU B 403 7.31 -10.15 -40.48
C GLU B 403 7.56 -11.61 -40.89
N ASP B 404 8.67 -11.84 -41.59
CA ASP B 404 9.01 -13.17 -42.11
C ASP B 404 9.77 -14.00 -41.07
N ILE B 405 10.75 -13.38 -40.42
CA ILE B 405 11.54 -14.03 -39.37
C ILE B 405 12.13 -12.99 -38.41
N ASN B 406 12.32 -13.39 -37.15
CA ASN B 406 12.87 -12.50 -36.12
C ASN B 406 14.16 -13.04 -35.51
N TRP B 407 15.27 -12.33 -35.77
CA TRP B 407 16.57 -12.66 -35.20
C TRP B 407 17.00 -11.58 -34.21
N THR B 408 17.47 -12.01 -33.04
CA THR B 408 17.97 -11.07 -32.03
C THR B 408 19.14 -11.64 -31.22
N LEU B 409 20.27 -10.94 -31.26
CA LEU B 409 21.47 -11.31 -30.53
C LEU B 409 21.69 -10.33 -29.38
N SER B 410 22.18 -10.84 -28.26
CA SER B 410 22.47 -10.01 -27.08
C SER B 410 23.76 -10.41 -26.37
N TYR B 411 24.54 -9.42 -26.00
CA TYR B 411 25.82 -9.64 -25.32
C TYR B 411 25.93 -8.80 -24.05
N SER B 412 26.50 -9.39 -23.00
CA SER B 412 26.68 -8.71 -21.72
C SER B 412 28.03 -9.05 -21.10
N LEU B 413 28.78 -8.02 -20.72
CA LEU B 413 30.08 -8.17 -20.06
C LEU B 413 30.11 -7.35 -18.78
N THR B 414 30.24 -8.05 -17.64
CA THR B 414 30.26 -7.39 -16.33
C THR B 414 31.52 -7.72 -15.56
N LYS B 415 32.16 -6.69 -15.00
CA LYS B 415 33.37 -6.84 -14.20
C LYS B 415 33.47 -5.74 -13.15
N ASN B 416 33.71 -6.13 -11.90
CA ASN B 416 33.84 -5.19 -10.79
C ASN B 416 35.28 -5.07 -10.29
N ALA B 417 35.55 -3.99 -9.54
CA ALA B 417 36.88 -3.71 -9.00
C ALA B 417 37.30 -4.69 -7.91
N TRP B 418 36.34 -5.11 -7.10
CA TRP B 418 36.59 -6.06 -6.00
C TRP B 418 36.39 -7.51 -6.43
N GLN B 419 36.02 -7.72 -7.69
CA GLN B 419 35.80 -9.06 -8.24
C GLN B 419 36.92 -9.47 -9.19
N LYS B 420 37.24 -10.76 -9.20
CA LYS B 420 38.30 -11.31 -10.05
C LYS B 420 37.74 -11.85 -11.37
N GLY B 421 36.65 -12.62 -11.28
CA GLY B 421 36.04 -13.25 -12.45
C GLY B 421 35.04 -12.37 -13.16
N ARG B 422 35.08 -12.40 -14.50
CA ARG B 422 34.16 -11.64 -15.34
C ARG B 422 32.93 -12.47 -15.68
N ASP B 423 31.85 -11.81 -16.12
CA ASP B 423 30.63 -12.49 -16.52
C ASP B 423 30.25 -12.18 -17.96
N GLN B 424 30.82 -12.95 -18.89
CA GLN B 424 30.50 -12.82 -20.31
C GLN B 424 29.25 -13.63 -20.63
N MET B 425 28.23 -12.95 -21.15
CA MET B 425 26.95 -13.59 -21.48
C MET B 425 26.57 -13.40 -22.94
N LEU B 426 26.04 -14.46 -23.55
CA LEU B 426 25.58 -14.43 -24.93
C LEU B 426 24.17 -15.01 -25.05
N ALA B 427 23.28 -14.28 -25.71
CA ALA B 427 21.89 -14.71 -25.87
C ALA B 427 21.46 -14.64 -27.33
N LEU B 428 20.61 -15.59 -27.73
CA LEU B 428 20.10 -15.65 -29.10
C LEU B 428 18.66 -16.16 -29.13
N ASN B 429 17.77 -15.37 -29.74
CA ASN B 429 16.36 -15.75 -29.89
C ASN B 429 15.93 -15.72 -31.35
N VAL B 430 15.41 -16.86 -31.82
CA VAL B 430 14.95 -16.99 -33.20
C VAL B 430 13.44 -17.25 -33.23
N ASN B 431 12.69 -16.28 -33.73
CA ASN B 431 11.23 -16.38 -33.84
C ASN B 431 10.78 -16.54 -35.29
N ILE B 432 9.96 -17.58 -35.53
CA ILE B 432 9.44 -17.86 -36.86
C ILE B 432 7.91 -17.71 -36.87
N PRO B 433 7.39 -16.57 -37.37
CA PRO B 433 5.95 -16.33 -37.47
C PRO B 433 5.28 -17.16 -38.55
N PHE B 434 4.00 -17.46 -38.35
CA PHE B 434 3.21 -18.22 -39.31
C PHE B 434 2.37 -17.31 -40.20
N ALA B 449 -5.36 -17.55 -34.87
CA ALA B 449 -4.81 -18.15 -36.09
C ALA B 449 -3.33 -17.87 -36.24
N SER B 450 -2.93 -16.64 -35.95
CA SER B 450 -1.52 -16.22 -36.05
C SER B 450 -0.69 -16.76 -34.90
N ALA B 451 0.48 -17.28 -35.22
CA ALA B 451 1.41 -17.84 -34.23
C ALA B 451 2.86 -17.56 -34.60
N SER B 452 3.76 -17.72 -33.63
CA SER B 452 5.19 -17.53 -33.87
C SER B 452 6.03 -18.53 -33.07
N TYR B 453 6.68 -19.45 -33.78
CA TYR B 453 7.53 -20.46 -33.16
C TYR B 453 8.86 -19.84 -32.74
N SER B 454 9.05 -19.72 -31.43
CA SER B 454 10.22 -19.03 -30.86
C SER B 454 11.25 -20.00 -30.30
N MET B 455 12.52 -19.58 -30.36
CA MET B 455 13.63 -20.33 -29.77
C MET B 455 14.45 -19.41 -28.85
N SER B 456 15.27 -20.01 -28.04
CA SER B 456 16.13 -19.21 -27.23
C SER B 456 17.37 -19.93 -26.79
N HIS B 457 18.49 -19.25 -26.64
CA HIS B 457 19.64 -19.92 -26.08
C HIS B 457 20.32 -19.00 -25.16
N ASP B 458 20.74 -19.52 -24.03
CA ASP B 458 21.56 -18.72 -23.13
C ASP B 458 22.90 -19.40 -22.89
N LEU B 459 23.98 -18.68 -23.17
CA LEU B 459 25.33 -19.19 -23.00
C LEU B 459 26.22 -18.17 -22.30
N ASN B 460 26.91 -18.62 -21.25
CA ASN B 460 27.81 -17.77 -20.49
C ASN B 460 29.10 -18.49 -20.06
N GLY B 461 29.79 -17.94 -19.07
CA GLY B 461 31.02 -18.52 -18.54
C GLY B 461 30.80 -19.86 -17.89
N ARG B 462 31.00 -20.93 -18.66
CA ARG B 462 30.86 -22.32 -18.22
C ARG B 462 29.44 -22.68 -17.78
N MET B 463 28.45 -22.35 -18.62
CA MET B 463 27.04 -22.65 -18.36
C MET B 463 26.21 -22.49 -19.64
N THR B 464 25.20 -23.35 -19.80
CA THR B 464 24.35 -23.34 -20.99
C THR B 464 22.86 -23.53 -20.68
N ASN B 465 22.01 -23.02 -21.57
CA ASN B 465 20.55 -23.10 -21.44
C ASN B 465 19.89 -23.29 -22.80
N LEU B 466 18.82 -24.10 -22.82
CA LEU B 466 18.10 -24.40 -24.06
C LEU B 466 16.58 -24.46 -23.85
N ALA B 467 15.87 -23.64 -24.58
CA ALA B 467 14.43 -23.64 -24.45
C ALA B 467 13.71 -23.08 -25.66
N GLY B 468 12.70 -23.75 -26.20
CA GLY B 468 11.91 -23.11 -27.23
C GLY B 468 10.57 -23.76 -27.54
N VAL B 469 9.49 -23.00 -27.72
CA VAL B 469 8.20 -23.47 -28.24
C VAL B 469 7.55 -22.39 -29.11
N TYR B 470 6.63 -21.61 -28.54
CA TYR B 470 5.90 -20.58 -29.28
C TYR B 470 5.46 -19.40 -28.41
N GLY B 471 5.04 -18.31 -29.06
CA GLY B 471 4.54 -17.12 -28.37
C GLY B 471 3.75 -16.21 -29.30
N THR B 472 2.45 -16.07 -29.01
CA THR B 472 1.55 -15.27 -29.85
C THR B 472 0.49 -14.53 -29.04
N LEU B 473 -0.44 -13.86 -29.74
CA LEU B 473 -1.46 -13.02 -29.11
C LEU B 473 -2.90 -13.44 -29.45
N LEU B 474 -3.77 -13.40 -28.44
CA LEU B 474 -5.21 -13.59 -28.63
C LEU B 474 -5.98 -12.30 -28.40
N GLU B 475 -7.21 -12.24 -28.89
CA GLU B 475 -8.06 -11.04 -28.83
C GLU B 475 -7.48 -9.88 -29.67
N ASP B 476 -6.25 -10.06 -30.15
CA ASP B 476 -5.52 -9.08 -30.97
C ASP B 476 -5.13 -7.81 -30.22
N ASN B 477 -4.25 -7.02 -30.84
CA ASN B 477 -3.80 -5.72 -30.33
C ASN B 477 -2.96 -5.75 -29.04
N ASN B 478 -3.60 -6.06 -27.92
CA ASN B 478 -2.96 -5.93 -26.60
C ASN B 478 -2.58 -7.22 -25.88
N LEU B 479 -3.53 -8.14 -25.74
CA LEU B 479 -3.33 -9.38 -24.98
C LEU B 479 -2.38 -10.35 -25.71
N SER B 480 -1.15 -10.47 -25.18
CA SER B 480 -0.14 -11.35 -25.75
C SER B 480 0.37 -12.36 -24.71
N TYR B 481 0.81 -13.53 -25.19
CA TYR B 481 1.30 -14.59 -24.32
C TYR B 481 2.50 -15.36 -24.92
N SER B 482 3.23 -16.05 -24.05
CA SER B 482 4.38 -16.85 -24.46
C SER B 482 4.57 -18.08 -23.56
N VAL B 483 4.60 -19.25 -24.18
CA VAL B 483 4.81 -20.51 -23.47
C VAL B 483 6.07 -21.19 -24.00
N GLN B 484 7.05 -21.37 -23.11
CA GLN B 484 8.34 -21.96 -23.48
C GLN B 484 8.74 -23.09 -22.53
N THR B 485 9.43 -24.10 -23.06
CA THR B 485 9.98 -25.20 -22.25
C THR B 485 11.22 -25.82 -22.91
N GLY B 486 12.15 -26.28 -22.12
CA GLY B 486 13.38 -26.72 -22.71
C GLY B 486 14.09 -27.31 -21.56
N TYR B 487 15.34 -27.71 -21.79
CA TYR B 487 16.22 -28.29 -20.80
C TYR B 487 17.24 -27.23 -20.46
N ALA B 488 17.52 -27.06 -19.18
CA ALA B 488 18.53 -26.14 -18.71
C ALA B 488 19.57 -27.08 -18.07
N GLY B 489 20.80 -26.70 -18.19
CA GLY B 489 21.81 -27.49 -17.53
C GLY B 489 22.66 -26.27 -17.28
N GLY B 490 23.86 -26.43 -17.78
CA GLY B 490 24.88 -25.44 -17.63
C GLY B 490 26.00 -26.36 -17.26
N GLY B 491 26.82 -25.87 -16.32
CA GLY B 491 27.96 -26.57 -15.74
C GLY B 491 28.07 -26.74 -14.20
N ASP B 492 28.34 -25.69 -13.43
CA ASP B 492 28.49 -25.94 -12.01
C ASP B 492 27.29 -26.69 -11.45
N GLY B 493 27.39 -28.02 -11.42
CA GLY B 493 26.31 -28.86 -10.93
C GLY B 493 25.79 -29.82 -11.99
N ASN B 494 24.47 -29.86 -12.14
CA ASN B 494 23.80 -30.75 -13.09
C ASN B 494 22.79 -30.02 -13.98
N SER B 495 22.20 -30.77 -14.91
CA SER B 495 21.19 -30.23 -15.83
C SER B 495 19.78 -30.65 -15.43
N GLY B 496 18.82 -29.75 -15.65
CA GLY B 496 17.41 -30.01 -15.33
C GLY B 496 16.45 -29.51 -16.40
N SER B 497 15.20 -29.93 -16.30
CA SER B 497 14.16 -29.53 -17.24
C SER B 497 13.38 -28.32 -16.71
N THR B 498 13.26 -27.29 -17.54
CA THR B 498 12.55 -26.07 -17.16
C THR B 498 11.43 -25.72 -18.14
N GLY B 499 10.52 -24.85 -17.71
CA GLY B 499 9.40 -24.41 -18.53
C GLY B 499 8.58 -23.31 -17.88
N TYR B 500 8.08 -22.38 -18.68
CA TYR B 500 7.26 -21.29 -18.18
C TYR B 500 6.15 -20.87 -19.14
N ALA B 501 5.02 -20.45 -18.58
CA ALA B 501 3.89 -19.94 -19.35
C ALA B 501 3.43 -18.60 -18.77
N THR B 502 3.46 -17.57 -19.60
CA THR B 502 3.13 -16.21 -19.16
C THR B 502 2.07 -15.53 -20.03
N LEU B 503 1.25 -14.70 -19.40
CA LEU B 503 0.24 -13.90 -20.08
C LEU B 503 0.54 -12.42 -19.85
N ASN B 504 0.29 -11.60 -20.86
CA ASN B 504 0.57 -10.19 -20.76
C ASN B 504 -0.42 -9.30 -21.45
N TYR B 505 -0.66 -8.13 -20.88
CA TYR B 505 -1.64 -7.24 -21.43
C TYR B 505 -1.32 -5.79 -21.22
N ARG B 506 -1.70 -4.95 -22.17
CA ARG B 506 -1.46 -3.53 -22.07
C ARG B 506 -2.62 -2.65 -22.50
N GLY B 507 -3.85 -3.11 -22.43
CA GLY B 507 -4.94 -2.26 -22.92
C GLY B 507 -5.26 -1.11 -21.99
N GLY B 508 -4.90 0.11 -22.42
CA GLY B 508 -5.19 1.32 -21.67
C GLY B 508 -4.17 1.67 -20.59
N TYR B 509 -2.91 1.31 -20.85
CA TYR B 509 -1.78 1.56 -19.94
C TYR B 509 -1.85 0.82 -18.60
N GLY B 510 -3.00 0.91 -17.93
CA GLY B 510 -3.23 0.19 -16.67
C GLY B 510 -3.35 -1.30 -16.92
N ASN B 511 -2.20 -1.99 -16.88
CA ASN B 511 -2.13 -3.39 -17.27
C ASN B 511 -1.65 -4.33 -16.16
N ALA B 512 -1.87 -5.63 -16.37
CA ALA B 512 -1.43 -6.66 -15.44
C ALA B 512 -0.99 -7.93 -16.19
N ASN B 513 0.20 -8.42 -15.85
CA ASN B 513 0.73 -9.65 -16.45
C ASN B 513 0.83 -10.80 -15.45
N ILE B 514 0.39 -11.98 -15.87
CA ILE B 514 0.41 -13.18 -15.02
C ILE B 514 1.41 -14.19 -15.57
N GLY B 515 2.28 -14.70 -14.70
CA GLY B 515 3.31 -15.65 -15.11
C GLY B 515 3.48 -16.84 -14.18
N TYR B 516 3.71 -18.00 -14.78
CA TYR B 516 3.97 -19.24 -14.04
C TYR B 516 5.18 -19.96 -14.62
N SER B 517 6.06 -20.41 -13.73
CA SER B 517 7.28 -21.11 -14.13
C SER B 517 7.50 -22.38 -13.32
N HIS B 518 7.94 -23.45 -13.98
CA HIS B 518 8.22 -24.72 -13.32
C HIS B 518 9.59 -25.27 -13.70
N SER B 519 10.22 -25.96 -12.76
CA SER B 519 11.50 -26.63 -12.98
C SER B 519 11.54 -27.97 -12.25
N ASP B 520 12.66 -28.67 -12.37
CA ASP B 520 12.87 -29.95 -11.70
C ASP B 520 13.13 -29.79 -10.19
N ASP B 521 13.28 -28.54 -9.75
CA ASP B 521 13.57 -28.25 -8.34
C ASP B 521 12.75 -27.08 -7.77
N ILE B 522 12.58 -26.02 -8.56
CA ILE B 522 11.90 -24.80 -8.11
C ILE B 522 10.66 -24.49 -8.95
N LYS B 523 9.54 -24.24 -8.27
CA LYS B 523 8.30 -23.82 -8.92
C LYS B 523 7.96 -22.38 -8.54
N GLN B 524 7.70 -21.55 -9.55
CA GLN B 524 7.47 -20.12 -9.34
C GLN B 524 6.15 -19.62 -9.94
N LEU B 525 5.55 -18.64 -9.27
CA LEU B 525 4.33 -17.98 -9.74
C LEU B 525 4.41 -16.49 -9.44
N TYR B 526 4.28 -15.68 -10.49
CA TYR B 526 4.47 -14.22 -10.36
C TYR B 526 3.43 -13.40 -11.13
N TYR B 527 3.18 -12.19 -10.64
CA TYR B 527 2.29 -11.24 -11.29
C TYR B 527 2.74 -9.80 -11.09
N GLY B 528 2.58 -8.97 -12.13
CA GLY B 528 2.97 -7.57 -12.09
C GLY B 528 1.90 -6.65 -12.62
N VAL B 529 1.60 -5.58 -11.86
CA VAL B 529 0.57 -4.62 -12.24
C VAL B 529 1.17 -3.22 -12.39
N SER B 530 1.26 -2.74 -13.63
CA SER B 530 1.78 -1.40 -13.91
C SER B 530 0.71 -0.53 -14.57
N GLY B 531 0.50 0.66 -14.02
CA GLY B 531 -0.50 1.58 -14.53
C GLY B 531 -0.31 3.03 -14.08
N GLY B 532 -1.11 3.91 -14.62
CA GLY B 532 -0.96 5.30 -14.34
C GLY B 532 -2.28 5.98 -14.48
N VAL B 533 -2.74 6.52 -13.37
CA VAL B 533 -3.98 7.24 -13.24
C VAL B 533 -3.81 8.75 -13.33
N LEU B 534 -4.85 9.43 -13.76
CA LEU B 534 -4.84 10.87 -13.87
C LEU B 534 -6.23 11.37 -13.54
N ALA B 535 -6.34 12.65 -13.23
CA ALA B 535 -7.64 13.27 -12.98
C ALA B 535 -8.00 13.45 -11.52
#